data_1VFM
#
_entry.id   1VFM
#
_cell.length_a   115.395
_cell.length_b   118.428
_cell.length_c   113.690
_cell.angle_alpha   90.00
_cell.angle_beta   90.00
_cell.angle_gamma   90.00
#
_symmetry.space_group_name_H-M   'P 21 21 21'
#
loop_
_entity.id
_entity.type
_entity.pdbx_description
1 polymer 'Neopullulanase 2'
2 branched Cyclohexakis-(1-4)-(alpha-D-glucopyranose)
3 branched 'Cyclic beta-D-glucopyranose-(1-4)-alpha-D-glucopyranose-(1-4)-alpha-D-glucopyranose-(1-4)-alpha-D-glucopyranose-(1-4)-alpha-D-glucopyranose-(1-4)-alpha-D-glucopyranose'
4 non-polymer 'CALCIUM ION'
5 water water
#
_entity_poly.entity_id   1
_entity_poly.type   'polypeptide(L)'
_entity_poly.pdbx_seq_one_letter_code
;MLLEAIFHEAKGSYAYPISETQLRVRLRAKKGDVVRCEVLYADRYASPEEELAHALAGKAGSDERFDYFEALLECSTKRV
KYVFLLTGPQGEAVYFGETGFSAERSKAGVFQYAYIHRSEVFTTPEWAKEAVIYQIFPERFANGDPSNDPPGTEQWAKDA
RPRHDSFYGGDLKGVIDRLPYLEELGVTALYFTPIFASPSHHKYDTADYLAIDPQFGDLPTFRRLVDEAHRRGIKIILDA
VFNHAGDQFFAFRDVLQKGEQSRYKDWFFIEDFPVSKTSRTNYETFAVQVPAMPKLRTENPEVKEYLFDVARFWMEQGID
GWRLNVANEVDHAFWREFRRLVKSLNPDALIVGEIWHDASGWLMGDQFDSVMNYLFRESVIRFFATGEIHAERFDAELTR
ARMLYPEQAAQGLWNLLDSHNTERFLTSCGGNEAKFRLAVLFQMTYLGTPLIYYGDEIGMAGATDPDCRRPMIWEEKEQN
RGLFEFYKELIRLRHRLASLTRGNVRSWHADKQANLYAFVRTVQDQHVGVVLNNRGEKQTVLLQVPESGGKTWLDCLTGE
EVHGKQGQLKLTLRPYQGMILWNGR
;
_entity_poly.pdbx_strand_id   A,B
#
# COMPACT_ATOMS: atom_id res chain seq x y z
N MET A 1 -6.64 -13.28 26.04
CA MET A 1 -5.92 -12.26 25.23
C MET A 1 -6.90 -11.29 24.60
N LEU A 2 -6.58 -10.00 24.68
CA LEU A 2 -7.42 -8.95 24.12
C LEU A 2 -7.33 -8.94 22.59
N LEU A 3 -8.17 -9.79 21.98
CA LEU A 3 -8.19 -9.95 20.54
C LEU A 3 -8.24 -8.65 19.75
N GLU A 4 -8.92 -7.63 20.27
CA GLU A 4 -9.02 -6.37 19.56
C GLU A 4 -7.66 -5.68 19.41
N ALA A 5 -6.60 -6.32 19.88
CA ALA A 5 -5.29 -5.71 19.76
C ALA A 5 -4.33 -6.55 18.91
N ILE A 6 -4.84 -7.58 18.26
CA ILE A 6 -3.98 -8.40 17.43
C ILE A 6 -4.04 -7.97 15.97
N PHE A 7 -2.91 -7.50 15.44
CA PHE A 7 -2.87 -7.03 14.06
C PHE A 7 -2.03 -7.83 13.08
N HIS A 8 -2.45 -7.76 11.81
CA HIS A 8 -1.76 -8.37 10.67
C HIS A 8 -2.51 -8.21 9.34
N GLU A 9 -1.74 -7.97 8.28
CA GLU A 9 -2.29 -7.79 6.94
C GLU A 9 -1.32 -8.45 5.98
N ALA A 10 -1.87 -9.18 5.02
CA ALA A 10 -1.06 -9.93 4.06
C ALA A 10 -0.31 -9.05 3.06
N LYS A 11 0.23 -7.94 3.54
CA LYS A 11 0.98 -7.03 2.70
C LYS A 11 1.80 -6.08 3.57
N GLY A 12 2.22 -4.97 2.97
CA GLY A 12 3.00 -3.98 3.69
C GLY A 12 4.21 -4.48 4.45
N SER A 13 4.27 -4.11 5.73
CA SER A 13 5.40 -4.46 6.58
C SER A 13 5.12 -5.64 7.47
N TYR A 14 4.08 -6.40 7.14
CA TYR A 14 3.69 -7.56 7.93
C TYR A 14 3.68 -8.84 7.10
N ALA A 15 3.63 -8.69 5.79
CA ALA A 15 3.65 -9.82 4.88
C ALA A 15 4.37 -9.33 3.63
N TYR A 16 5.50 -9.95 3.34
CA TYR A 16 6.28 -9.58 2.18
C TYR A 16 7.36 -10.63 1.95
N PRO A 17 7.86 -10.75 0.73
CA PRO A 17 8.88 -11.76 0.49
C PRO A 17 10.29 -11.23 0.62
N ILE A 18 11.22 -12.12 0.96
CA ILE A 18 12.61 -11.75 1.08
C ILE A 18 13.31 -12.59 0.03
N SER A 19 12.51 -13.33 -0.72
CA SER A 19 13.02 -14.21 -1.76
C SER A 19 11.87 -14.65 -2.69
N GLU A 20 12.20 -15.30 -3.79
CA GLU A 20 11.15 -15.74 -4.71
C GLU A 20 10.37 -16.89 -4.10
N THR A 21 10.90 -17.48 -3.02
CA THR A 21 10.22 -18.58 -2.36
C THR A 21 10.13 -18.45 -0.85
N GLN A 22 10.47 -17.28 -0.31
CA GLN A 22 10.39 -17.09 1.12
C GLN A 22 9.58 -15.86 1.48
N LEU A 23 8.58 -16.03 2.33
CA LEU A 23 7.74 -14.90 2.73
C LEU A 23 7.95 -14.65 4.21
N ARG A 24 8.04 -13.38 4.56
CA ARG A 24 8.22 -12.95 5.94
C ARG A 24 6.87 -12.43 6.45
N VAL A 25 6.35 -13.05 7.49
CA VAL A 25 5.08 -12.60 8.03
C VAL A 25 5.33 -12.08 9.44
N ARG A 26 4.63 -11.02 9.82
CA ARG A 26 4.80 -10.46 11.15
C ARG A 26 3.42 -10.18 11.72
N LEU A 27 3.28 -10.46 13.01
CA LEU A 27 2.03 -10.26 13.72
C LEU A 27 2.26 -9.33 14.91
N ARG A 28 1.21 -8.59 15.25
CA ARG A 28 1.30 -7.64 16.33
C ARG A 28 0.19 -7.90 17.36
N ALA A 29 0.55 -7.80 18.64
CA ALA A 29 -0.39 -8.04 19.72
C ALA A 29 0.02 -7.31 21.00
N LYS A 30 -0.98 -6.98 21.83
CA LYS A 30 -0.71 -6.28 23.09
C LYS A 30 0.44 -6.91 23.86
N LYS A 31 1.29 -6.07 24.43
CA LYS A 31 2.44 -6.53 25.17
C LYS A 31 2.09 -7.60 26.20
N GLY A 32 2.83 -8.70 26.18
CA GLY A 32 2.59 -9.77 27.12
C GLY A 32 1.18 -10.33 27.13
N ASP A 33 0.48 -10.20 26.02
CA ASP A 33 -0.89 -10.70 25.92
C ASP A 33 -0.89 -12.04 25.20
N VAL A 34 0.22 -12.32 24.54
CA VAL A 34 0.39 -13.55 23.77
C VAL A 34 1.78 -14.09 24.09
N VAL A 35 1.87 -15.39 24.32
CA VAL A 35 3.12 -16.03 24.67
C VAL A 35 3.81 -16.78 23.54
N ARG A 36 3.03 -17.42 22.67
CA ARG A 36 3.59 -18.16 21.56
C ARG A 36 2.82 -17.82 20.30
N CYS A 37 3.51 -17.87 19.16
CA CYS A 37 2.89 -17.55 17.88
C CYS A 37 3.40 -18.53 16.84
N GLU A 38 2.51 -19.34 16.29
CA GLU A 38 2.92 -20.31 15.27
C GLU A 38 2.09 -20.11 14.01
N VAL A 39 2.72 -20.32 12.85
CA VAL A 39 2.04 -20.15 11.57
C VAL A 39 1.86 -21.44 10.79
N LEU A 40 0.62 -21.90 10.70
CA LEU A 40 0.30 -23.11 9.95
C LEU A 40 -0.08 -22.63 8.56
N TYR A 41 0.59 -23.16 7.55
CA TYR A 41 0.34 -22.74 6.17
C TYR A 41 0.59 -23.87 5.18
N ALA A 42 0.39 -23.58 3.90
CA ALA A 42 0.59 -24.53 2.82
C ALA A 42 0.34 -23.78 1.52
N ASP A 43 0.44 -24.46 0.38
CA ASP A 43 0.21 -23.82 -0.92
C ASP A 43 -1.26 -23.46 -1.08
N ARG A 44 -1.53 -22.28 -1.65
CA ARG A 44 -2.91 -21.84 -1.84
C ARG A 44 -3.82 -22.90 -2.45
N TYR A 45 -3.44 -23.42 -3.61
CA TYR A 45 -4.24 -24.43 -4.31
C TYR A 45 -4.19 -25.84 -3.71
N ALA A 46 -3.62 -25.98 -2.51
CA ALA A 46 -3.51 -27.28 -1.85
C ALA A 46 -4.86 -27.84 -1.44
N SER A 47 -4.95 -29.17 -1.35
CA SER A 47 -6.18 -29.85 -0.98
C SER A 47 -6.49 -29.69 0.51
N PRO A 48 -7.79 -29.61 0.85
CA PRO A 48 -8.20 -29.44 2.24
C PRO A 48 -7.68 -30.56 3.14
N GLU A 49 -7.21 -31.64 2.53
CA GLU A 49 -6.72 -32.79 3.26
C GLU A 49 -5.23 -32.82 3.58
N GLU A 50 -4.40 -32.22 2.72
CA GLU A 50 -2.96 -32.20 2.94
C GLU A 50 -2.58 -31.61 4.30
N GLU A 51 -1.41 -32.00 4.81
CA GLU A 51 -0.96 -31.51 6.10
C GLU A 51 -0.23 -30.19 6.01
N LEU A 52 -0.68 -29.22 6.79
CA LEU A 52 -0.10 -27.88 6.80
C LEU A 52 1.32 -27.82 7.38
N ALA A 53 2.13 -26.91 6.85
CA ALA A 53 3.49 -26.72 7.31
C ALA A 53 3.47 -25.81 8.52
N HIS A 54 4.41 -26.01 9.44
CA HIS A 54 4.49 -25.20 10.64
C HIS A 54 5.64 -24.22 10.57
N ALA A 55 5.56 -23.14 11.34
CA ALA A 55 6.59 -22.13 11.36
C ALA A 55 6.46 -21.32 12.65
N LEU A 56 7.45 -21.46 13.52
CA LEU A 56 7.45 -20.77 14.80
C LEU A 56 7.78 -19.29 14.64
N ALA A 57 6.93 -18.43 15.21
CA ALA A 57 7.13 -16.98 15.11
C ALA A 57 7.82 -16.39 16.34
N GLY A 58 9.14 -16.26 16.29
CA GLY A 58 9.85 -15.69 17.41
C GLY A 58 9.37 -14.30 17.73
N LYS A 59 9.55 -13.88 18.99
CA LYS A 59 9.15 -12.54 19.37
C LYS A 59 10.31 -11.71 18.84
N ALA A 60 10.04 -10.87 17.86
CA ALA A 60 11.09 -10.07 17.25
C ALA A 60 11.51 -8.87 18.05
N GLY A 61 10.58 -8.26 18.75
CA GLY A 61 10.91 -7.09 19.54
C GLY A 61 9.67 -6.67 20.27
N SER A 62 9.80 -5.71 21.17
CA SER A 62 8.63 -5.27 21.91
C SER A 62 8.51 -3.77 22.02
N ASP A 63 7.47 -3.26 21.37
CA ASP A 63 7.17 -1.83 21.38
C ASP A 63 6.92 -1.45 22.83
N GLU A 64 6.30 -0.30 23.08
CA GLU A 64 6.04 0.07 24.46
C GLU A 64 4.63 -0.37 24.78
N ARG A 65 3.93 -0.90 23.78
CA ARG A 65 2.56 -1.36 23.97
C ARG A 65 2.27 -2.68 23.28
N PHE A 66 3.14 -3.06 22.35
CA PHE A 66 2.92 -4.30 21.62
C PHE A 66 4.09 -5.26 21.72
N ASP A 67 3.88 -6.44 21.17
CA ASP A 67 4.88 -7.47 21.08
C ASP A 67 4.90 -7.71 19.58
N TYR A 68 6.05 -7.98 18.98
CA TYR A 68 6.05 -8.22 17.55
C TYR A 68 6.55 -9.60 17.27
N PHE A 69 5.74 -10.36 16.55
CA PHE A 69 6.11 -11.72 16.22
C PHE A 69 6.51 -11.79 14.76
N GLU A 70 7.50 -12.63 14.47
CA GLU A 70 8.00 -12.72 13.10
C GLU A 70 8.35 -14.14 12.66
N ALA A 71 7.80 -14.58 11.53
CA ALA A 71 8.07 -15.91 11.01
C ALA A 71 8.46 -15.89 9.53
N LEU A 72 9.09 -16.98 9.09
CA LEU A 72 9.54 -17.13 7.72
C LEU A 72 8.91 -18.36 7.07
N LEU A 73 7.97 -18.13 6.16
CA LEU A 73 7.26 -19.20 5.48
C LEU A 73 7.97 -19.63 4.20
N GLU A 74 8.35 -20.90 4.13
CA GLU A 74 9.00 -21.46 2.95
C GLU A 74 7.88 -21.76 1.95
N CYS A 75 7.92 -21.10 0.80
CA CYS A 75 6.89 -21.26 -0.23
C CYS A 75 7.47 -21.60 -1.62
N SER A 76 7.71 -22.88 -1.87
CA SER A 76 8.26 -23.31 -3.14
C SER A 76 7.27 -23.05 -4.28
N THR A 77 5.99 -23.19 -4.00
CA THR A 77 4.98 -22.93 -5.02
C THR A 77 4.93 -21.43 -5.32
N LYS A 78 5.55 -20.63 -4.45
CA LYS A 78 5.57 -19.18 -4.59
C LYS A 78 4.16 -18.61 -4.42
N ARG A 79 3.30 -19.41 -3.80
CA ARG A 79 1.91 -19.03 -3.52
C ARG A 79 1.65 -19.59 -2.14
N VAL A 80 0.83 -18.91 -1.33
CA VAL A 80 0.62 -19.42 0.02
C VAL A 80 -0.60 -18.92 0.78
N LYS A 81 -1.13 -19.80 1.61
CA LYS A 81 -2.25 -19.49 2.46
C LYS A 81 -1.77 -19.88 3.87
N TYR A 82 -2.01 -19.01 4.84
CA TYR A 82 -1.55 -19.28 6.18
C TYR A 82 -2.52 -18.81 7.24
N VAL A 83 -2.41 -19.40 8.42
CA VAL A 83 -3.26 -19.06 9.56
C VAL A 83 -2.42 -19.04 10.82
N PHE A 84 -2.63 -18.03 11.66
CA PHE A 84 -1.88 -17.92 12.91
C PHE A 84 -2.49 -18.66 14.08
N LEU A 85 -1.63 -19.28 14.89
CA LEU A 85 -2.03 -20.01 16.09
C LEU A 85 -1.44 -19.20 17.26
N LEU A 86 -2.30 -18.61 18.07
CA LEU A 86 -1.86 -17.79 19.20
C LEU A 86 -2.18 -18.36 20.58
N THR A 87 -1.13 -18.66 21.33
CA THR A 87 -1.29 -19.22 22.68
C THR A 87 -1.15 -18.21 23.81
N GLY A 88 -2.03 -18.31 24.80
CA GLY A 88 -2.03 -17.38 25.92
C GLY A 88 -1.07 -17.60 27.09
N PRO A 89 -1.05 -16.65 28.04
CA PRO A 89 -0.20 -16.69 29.24
C PRO A 89 -0.34 -17.99 30.02
N GLN A 90 -1.59 -18.34 30.35
CA GLN A 90 -1.87 -19.57 31.08
C GLN A 90 -1.97 -20.76 30.14
N GLY A 91 -2.62 -20.58 28.99
CA GLY A 91 -2.72 -21.69 28.05
C GLY A 91 -3.74 -21.52 26.95
N GLU A 92 -4.63 -20.54 27.09
CA GLU A 92 -5.66 -20.26 26.09
C GLU A 92 -5.13 -20.39 24.66
N ALA A 93 -5.99 -20.81 23.74
CA ALA A 93 -5.58 -20.96 22.34
C ALA A 93 -6.53 -20.18 21.44
N VAL A 94 -6.11 -19.95 20.19
CA VAL A 94 -6.92 -19.21 19.22
C VAL A 94 -6.24 -19.15 17.86
N TYR A 95 -7.04 -19.31 16.82
CA TYR A 95 -6.53 -19.25 15.45
C TYR A 95 -6.81 -17.88 14.88
N PHE A 96 -5.85 -17.34 14.14
CA PHE A 96 -6.01 -16.03 13.54
C PHE A 96 -5.96 -16.08 12.03
N GLY A 97 -7.02 -15.59 11.39
CA GLY A 97 -7.06 -15.62 9.94
C GLY A 97 -7.81 -14.44 9.33
N GLU A 98 -8.02 -14.53 8.02
CA GLU A 98 -8.70 -13.46 7.31
C GLU A 98 -10.17 -13.33 7.75
N THR A 99 -10.78 -14.45 8.14
CA THR A 99 -12.18 -14.42 8.57
C THR A 99 -12.30 -13.83 9.98
N GLY A 100 -11.34 -14.16 10.83
CA GLY A 100 -11.35 -13.65 12.20
C GLY A 100 -10.83 -14.69 13.18
N PHE A 101 -11.19 -14.53 14.45
CA PHE A 101 -10.75 -15.48 15.48
C PHE A 101 -11.75 -16.63 15.73
N SER A 102 -11.21 -17.78 16.11
CA SER A 102 -12.02 -18.96 16.39
C SER A 102 -11.15 -20.01 17.05
N ALA A 103 -11.68 -20.64 18.10
CA ALA A 103 -10.91 -21.69 18.77
C ALA A 103 -10.71 -22.78 17.72
N GLU A 104 -11.60 -22.79 16.73
CA GLU A 104 -11.54 -23.75 15.64
C GLU A 104 -10.79 -23.14 14.46
N ARG A 105 -9.74 -23.80 14.03
CA ARG A 105 -8.92 -23.32 12.93
C ARG A 105 -9.74 -22.94 11.71
N SER A 106 -10.41 -23.94 11.14
CA SER A 106 -11.23 -23.73 9.95
C SER A 106 -12.15 -22.50 9.99
N LYS A 107 -12.72 -22.21 11.15
CA LYS A 107 -13.65 -21.08 11.27
C LYS A 107 -12.97 -19.71 11.31
N ALA A 108 -11.64 -19.70 11.24
CA ALA A 108 -10.89 -18.45 11.30
C ALA A 108 -10.51 -17.96 9.91
N GLY A 109 -10.72 -18.80 8.90
CA GLY A 109 -10.37 -18.40 7.55
C GLY A 109 -8.87 -18.49 7.38
N VAL A 110 -8.36 -17.88 6.32
CA VAL A 110 -6.93 -17.94 6.07
C VAL A 110 -6.40 -16.79 5.21
N PHE A 111 -5.29 -16.19 5.65
CA PHE A 111 -4.67 -15.10 4.91
C PHE A 111 -4.02 -15.71 3.68
N GLN A 112 -3.85 -14.92 2.62
CA GLN A 112 -3.25 -15.43 1.40
C GLN A 112 -2.32 -14.45 0.72
N TYR A 113 -1.11 -14.92 0.38
CA TYR A 113 -0.19 -14.07 -0.37
C TYR A 113 -0.31 -14.70 -1.75
N ALA A 114 -1.10 -14.06 -2.60
CA ALA A 114 -1.39 -14.53 -3.95
C ALA A 114 -0.22 -15.10 -4.72
N TYR A 115 0.82 -14.31 -4.94
CA TYR A 115 1.96 -14.82 -5.70
C TYR A 115 3.23 -14.01 -5.47
N ILE A 116 4.38 -14.67 -5.47
CA ILE A 116 5.65 -13.97 -5.27
C ILE A 116 6.39 -13.78 -6.60
N HIS A 117 6.19 -12.62 -7.24
CA HIS A 117 6.87 -12.31 -8.50
C HIS A 117 8.30 -11.85 -8.17
N ARG A 118 9.31 -12.53 -8.70
CA ARG A 118 10.66 -12.13 -8.37
C ARG A 118 10.91 -10.64 -8.61
N SER A 119 10.17 -10.04 -9.52
CA SER A 119 10.34 -8.63 -9.81
C SER A 119 9.86 -7.74 -8.67
N GLU A 120 9.12 -8.32 -7.72
CA GLU A 120 8.60 -7.52 -6.62
C GLU A 120 9.33 -7.78 -5.30
N VAL A 121 10.32 -8.65 -5.32
CA VAL A 121 11.07 -8.89 -4.11
C VAL A 121 11.94 -7.64 -3.89
N PHE A 122 11.66 -6.93 -2.80
CA PHE A 122 12.40 -5.70 -2.47
C PHE A 122 13.92 -5.91 -2.51
N THR A 123 14.56 -5.33 -3.52
CA THR A 123 16.00 -5.43 -3.72
C THR A 123 16.67 -4.08 -3.61
N THR A 124 17.87 -4.08 -3.03
CA THR A 124 18.63 -2.85 -2.83
C THR A 124 20.13 -3.06 -3.07
N PRO A 125 20.86 -1.98 -3.39
CA PRO A 125 22.30 -2.04 -3.65
C PRO A 125 23.13 -2.71 -2.55
N GLU A 126 23.90 -3.73 -2.92
CA GLU A 126 24.73 -4.43 -1.95
C GLU A 126 25.72 -3.48 -1.26
N TRP A 127 26.35 -2.58 -2.01
CA TRP A 127 27.30 -1.64 -1.41
C TRP A 127 26.58 -0.79 -0.38
N ALA A 128 25.30 -0.55 -0.61
CA ALA A 128 24.51 0.26 0.29
C ALA A 128 24.22 -0.52 1.57
N LYS A 129 24.45 -1.82 1.53
CA LYS A 129 24.22 -2.66 2.70
C LYS A 129 25.26 -2.54 3.80
N GLU A 130 26.39 -1.89 3.51
CA GLU A 130 27.43 -1.73 4.50
C GLU A 130 28.23 -0.49 4.24
N ALA A 131 27.54 0.64 4.19
CA ALA A 131 28.19 1.90 3.92
C ALA A 131 28.24 2.79 5.14
N VAL A 132 29.09 3.81 5.05
CA VAL A 132 29.23 4.81 6.10
C VAL A 132 29.27 6.12 5.31
N ILE A 133 28.11 6.73 5.11
CA ILE A 133 28.01 7.97 4.35
C ILE A 133 28.49 9.20 5.11
N TYR A 134 29.08 10.14 4.38
CA TYR A 134 29.57 11.38 4.95
C TYR A 134 28.83 12.51 4.21
N GLN A 135 28.08 13.33 4.94
CA GLN A 135 27.34 14.42 4.32
C GLN A 135 28.20 15.68 4.13
N ILE A 136 28.18 16.20 2.91
CA ILE A 136 28.95 17.40 2.57
C ILE A 136 28.09 18.54 2.08
N PHE A 137 28.25 19.68 2.74
CA PHE A 137 27.55 20.92 2.39
C PHE A 137 28.70 21.68 1.70
N PRO A 138 28.97 21.35 0.43
CA PRO A 138 30.02 21.92 -0.41
C PRO A 138 30.47 23.37 -0.14
N GLU A 139 29.52 24.30 -0.07
CA GLU A 139 29.86 25.69 0.17
C GLU A 139 30.72 25.87 1.41
N ARG A 140 30.56 24.99 2.39
CA ARG A 140 31.34 25.13 3.61
C ARG A 140 32.38 24.06 3.90
N PHE A 141 32.48 23.05 3.06
CA PHE A 141 33.45 22.00 3.31
C PHE A 141 34.90 22.42 3.13
N ALA A 142 35.27 22.80 1.90
CA ALA A 142 36.65 23.21 1.61
C ALA A 142 36.79 24.06 0.34
N ASN A 143 37.50 25.17 0.47
CA ASN A 143 37.72 26.03 -0.68
C ASN A 143 39.03 25.60 -1.33
N GLY A 144 38.93 24.77 -2.36
CA GLY A 144 40.13 24.28 -3.02
C GLY A 144 40.59 25.15 -4.16
N ASP A 145 39.70 26.04 -4.60
CA ASP A 145 39.99 26.96 -5.69
C ASP A 145 39.34 28.28 -5.34
N PRO A 146 40.12 29.21 -4.75
CA PRO A 146 39.62 30.53 -4.37
C PRO A 146 39.38 31.48 -5.54
N SER A 147 39.54 30.99 -6.75
CA SER A 147 39.32 31.84 -7.93
C SER A 147 37.85 31.92 -8.28
N ASN A 148 37.09 30.89 -7.92
CA ASN A 148 35.66 30.87 -8.21
C ASN A 148 34.81 31.39 -7.06
N ASP A 149 35.45 31.74 -5.96
CA ASP A 149 34.74 32.25 -4.79
C ASP A 149 33.73 33.34 -5.16
N PRO A 150 32.56 33.33 -4.53
CA PRO A 150 31.56 34.35 -4.84
C PRO A 150 32.05 35.69 -4.31
N PRO A 151 31.34 36.77 -4.63
CA PRO A 151 31.77 38.08 -4.12
C PRO A 151 31.34 38.18 -2.66
N GLY A 152 32.17 38.75 -1.81
CA GLY A 152 31.78 38.90 -0.42
C GLY A 152 32.20 37.75 0.46
N THR A 153 32.85 36.76 -0.14
CA THR A 153 33.32 35.61 0.61
C THR A 153 33.95 36.12 1.90
N GLU A 154 33.48 35.60 3.04
CA GLU A 154 34.01 35.97 4.36
C GLU A 154 35.18 35.06 4.70
N GLN A 155 35.87 35.34 5.81
CA GLN A 155 37.01 34.53 6.23
C GLN A 155 36.65 33.08 6.53
N TRP A 156 37.67 32.24 6.61
CA TRP A 156 37.48 30.82 6.89
C TRP A 156 38.14 30.49 8.22
N ALA A 157 37.43 30.79 9.30
CA ALA A 157 37.94 30.53 10.65
C ALA A 157 36.95 29.81 11.55
N LYS A 158 37.47 29.27 12.65
CA LYS A 158 36.68 28.54 13.64
C LYS A 158 35.55 29.37 14.25
N ASP A 159 35.70 30.68 14.25
CA ASP A 159 34.69 31.56 14.84
C ASP A 159 33.70 32.23 13.89
N ALA A 160 33.55 31.71 12.68
CA ALA A 160 32.60 32.32 11.76
C ALA A 160 31.18 32.00 12.22
N ARG A 161 30.29 32.97 12.09
CA ARG A 161 28.90 32.79 12.49
C ARG A 161 27.99 33.23 11.36
N PRO A 162 27.87 32.39 10.33
CA PRO A 162 27.08 32.54 9.10
C PRO A 162 25.72 33.22 9.23
N ARG A 163 25.25 33.75 8.11
CA ARG A 163 23.95 34.39 8.01
C ARG A 163 23.20 33.61 6.94
N HIS A 164 21.96 33.99 6.66
CA HIS A 164 21.19 33.26 5.66
C HIS A 164 21.66 33.55 4.24
N ASP A 165 22.58 34.50 4.09
CA ASP A 165 23.10 34.87 2.77
C ASP A 165 24.63 34.82 2.66
N SER A 166 25.30 34.55 3.78
CA SER A 166 26.75 34.46 3.80
C SER A 166 27.30 33.41 2.84
N PHE A 167 28.55 33.61 2.44
CA PHE A 167 29.27 32.71 1.55
C PHE A 167 30.70 32.56 2.09
N TYR A 168 31.33 31.41 1.87
CA TYR A 168 32.68 31.19 2.36
C TYR A 168 33.58 30.63 1.28
N GLY A 169 33.00 30.27 0.14
CA GLY A 169 33.79 29.79 -0.97
C GLY A 169 34.14 28.32 -1.09
N GLY A 170 33.44 27.44 -0.39
CA GLY A 170 33.74 26.01 -0.50
C GLY A 170 33.39 25.57 -1.91
N ASP A 171 34.19 24.66 -2.48
CA ASP A 171 33.96 24.21 -3.85
C ASP A 171 34.32 22.75 -4.04
N LEU A 172 34.05 22.22 -5.23
CA LEU A 172 34.35 20.83 -5.54
C LEU A 172 35.84 20.53 -5.60
N LYS A 173 36.67 21.54 -5.85
CA LYS A 173 38.11 21.31 -5.90
C LYS A 173 38.61 21.02 -4.49
N GLY A 174 37.99 21.67 -3.50
CA GLY A 174 38.35 21.39 -2.12
C GLY A 174 38.03 19.95 -1.74
N VAL A 175 36.81 19.50 -2.06
CA VAL A 175 36.40 18.14 -1.76
C VAL A 175 37.44 17.20 -2.33
N ILE A 176 37.87 17.45 -3.55
CA ILE A 176 38.86 16.59 -4.19
C ILE A 176 40.14 16.56 -3.40
N ASP A 177 40.65 17.73 -3.05
CA ASP A 177 41.88 17.83 -2.29
C ASP A 177 41.78 17.17 -0.93
N ARG A 178 40.56 16.90 -0.50
CA ARG A 178 40.32 16.30 0.82
C ARG A 178 40.01 14.81 0.84
N LEU A 179 39.97 14.17 -0.32
CA LEU A 179 39.68 12.76 -0.35
C LEU A 179 40.63 11.96 0.55
N PRO A 180 41.91 12.37 0.65
CA PRO A 180 42.85 11.62 1.51
C PRO A 180 42.30 11.54 2.95
N TYR A 181 41.66 12.62 3.38
CA TYR A 181 41.07 12.72 4.71
C TYR A 181 39.90 11.77 4.76
N LEU A 182 38.91 12.00 3.89
CA LEU A 182 37.72 11.18 3.83
C LEU A 182 38.02 9.68 3.73
N GLU A 183 39.10 9.32 3.03
CA GLU A 183 39.49 7.92 2.88
C GLU A 183 40.15 7.43 4.18
N GLU A 184 40.81 8.33 4.89
CA GLU A 184 41.45 7.96 6.15
C GLU A 184 40.40 7.69 7.22
N LEU A 185 39.31 8.48 7.17
CA LEU A 185 38.20 8.36 8.11
C LEU A 185 37.57 7.00 7.86
N GLY A 186 37.38 6.66 6.59
CA GLY A 186 36.80 5.38 6.26
C GLY A 186 35.44 5.47 5.59
N VAL A 187 34.92 6.68 5.39
CA VAL A 187 33.62 6.80 4.75
C VAL A 187 33.65 6.05 3.42
N THR A 188 32.53 5.50 3.00
CA THR A 188 32.51 4.76 1.75
C THR A 188 31.61 5.43 0.73
N ALA A 189 31.05 6.57 1.11
CA ALA A 189 30.19 7.32 0.20
C ALA A 189 30.05 8.74 0.71
N LEU A 190 29.80 9.66 -0.20
CA LEU A 190 29.64 11.05 0.13
C LEU A 190 28.27 11.49 -0.37
N TYR A 191 27.54 12.23 0.45
CA TYR A 191 26.22 12.71 0.05
C TYR A 191 26.33 14.22 0.00
N PHE A 192 26.24 14.80 -1.20
CA PHE A 192 26.34 16.25 -1.34
C PHE A 192 24.95 16.80 -1.33
N THR A 193 24.83 18.05 -0.91
CA THR A 193 23.55 18.74 -0.94
C THR A 193 23.45 19.25 -2.38
N PRO A 194 22.60 20.25 -2.66
CA PRO A 194 22.58 20.65 -4.07
C PRO A 194 23.86 21.32 -4.57
N ILE A 195 24.41 20.82 -5.68
CA ILE A 195 25.62 21.40 -6.27
C ILE A 195 25.29 22.07 -7.60
N PHE A 196 24.02 22.06 -7.98
CA PHE A 196 23.59 22.66 -9.24
C PHE A 196 23.37 24.17 -9.16
N ALA A 197 23.76 24.87 -10.22
CA ALA A 197 23.66 26.32 -10.34
C ALA A 197 22.42 26.95 -9.73
N SER A 198 22.64 27.86 -8.79
CA SER A 198 21.56 28.57 -8.12
C SER A 198 22.11 29.79 -7.40
N PRO A 199 21.39 30.91 -7.45
CA PRO A 199 21.87 32.14 -6.79
C PRO A 199 22.17 32.03 -5.29
N SER A 200 21.43 31.16 -4.60
CA SER A 200 21.59 30.99 -3.15
C SER A 200 22.88 30.29 -2.70
N HIS A 201 23.09 30.25 -1.39
CA HIS A 201 24.28 29.63 -0.83
C HIS A 201 24.01 28.18 -0.45
N HIS A 202 22.73 27.80 -0.48
CA HIS A 202 22.32 26.42 -0.14
C HIS A 202 21.95 25.70 -1.44
N LYS A 203 21.57 26.48 -2.45
CA LYS A 203 21.25 25.95 -3.79
C LYS A 203 19.98 25.09 -3.97
N TYR A 204 18.95 25.30 -3.17
CA TYR A 204 17.72 24.51 -3.32
C TYR A 204 16.77 25.16 -4.34
N ASP A 205 17.09 26.38 -4.74
CA ASP A 205 16.28 27.09 -5.73
C ASP A 205 17.03 26.98 -7.05
N THR A 206 17.13 25.76 -7.53
CA THR A 206 17.82 25.38 -8.77
C THR A 206 17.60 26.28 -9.99
N ALA A 207 18.70 26.80 -10.56
CA ALA A 207 18.63 27.65 -11.76
C ALA A 207 18.83 26.85 -13.06
N ASP A 208 19.67 25.81 -12.98
CA ASP A 208 19.96 24.95 -14.12
C ASP A 208 20.41 23.57 -13.64
N TYR A 209 19.57 22.57 -13.86
CA TYR A 209 19.85 21.20 -13.43
C TYR A 209 20.96 20.54 -14.24
N LEU A 210 21.35 21.18 -15.33
CA LEU A 210 22.37 20.59 -16.19
C LEU A 210 23.78 21.12 -16.03
N ALA A 211 24.00 22.00 -15.07
CA ALA A 211 25.34 22.52 -14.88
C ALA A 211 25.77 22.68 -13.42
N ILE A 212 26.94 22.17 -13.05
CA ILE A 212 27.38 22.36 -11.68
C ILE A 212 27.40 23.86 -11.49
N ASP A 213 27.21 24.32 -10.26
CA ASP A 213 27.21 25.75 -10.03
C ASP A 213 28.64 26.25 -10.19
N PRO A 214 28.82 27.35 -10.93
CA PRO A 214 30.10 28.02 -11.20
C PRO A 214 30.99 28.15 -9.98
N GLN A 215 30.39 28.56 -8.85
CA GLN A 215 31.15 28.76 -7.62
C GLN A 215 31.74 27.47 -7.08
N PHE A 216 31.21 26.34 -7.51
CA PHE A 216 31.71 25.05 -7.04
C PHE A 216 32.59 24.41 -8.09
N GLY A 217 32.36 24.75 -9.35
CA GLY A 217 33.18 24.18 -10.41
C GLY A 217 32.52 24.04 -11.76
N ASP A 218 33.00 23.07 -12.52
CA ASP A 218 32.47 22.77 -13.85
C ASP A 218 32.46 21.27 -14.03
N LEU A 219 31.67 20.77 -14.98
CA LEU A 219 31.58 19.34 -15.23
C LEU A 219 32.93 18.65 -15.18
N PRO A 220 33.93 19.20 -15.88
CA PRO A 220 35.25 18.55 -15.85
C PRO A 220 35.72 18.29 -14.41
N THR A 221 35.59 19.30 -13.56
CA THR A 221 36.01 19.17 -12.16
C THR A 221 35.20 18.09 -11.44
N PHE A 222 33.91 18.01 -11.75
CA PHE A 222 33.02 17.01 -11.16
C PHE A 222 33.46 15.60 -11.52
N ARG A 223 33.58 15.35 -12.82
CA ARG A 223 34.01 14.06 -13.32
C ARG A 223 35.28 13.66 -12.62
N ARG A 224 36.15 14.65 -12.39
CA ARG A 224 37.42 14.42 -11.71
C ARG A 224 37.11 13.98 -10.29
N LEU A 225 36.13 14.64 -9.67
CA LEU A 225 35.72 14.31 -8.31
C LEU A 225 35.26 12.85 -8.24
N VAL A 226 34.35 12.49 -9.15
CA VAL A 226 33.78 11.16 -9.23
C VAL A 226 34.83 10.08 -9.43
N ASP A 227 35.82 10.37 -10.26
CA ASP A 227 36.90 9.42 -10.55
C ASP A 227 37.85 9.33 -9.38
N GLU A 228 38.23 10.47 -8.84
CA GLU A 228 39.14 10.49 -7.71
C GLU A 228 38.59 9.77 -6.49
N ALA A 229 37.29 9.91 -6.27
CA ALA A 229 36.63 9.25 -5.15
C ALA A 229 36.47 7.75 -5.41
N HIS A 230 36.02 7.39 -6.61
CA HIS A 230 35.82 5.98 -6.95
C HIS A 230 37.05 5.10 -6.72
N ARG A 231 38.20 5.52 -7.22
CA ARG A 231 39.43 4.75 -7.03
C ARG A 231 39.80 4.71 -5.56
N ARG A 232 39.19 5.60 -4.79
CA ARG A 232 39.46 5.66 -3.37
C ARG A 232 38.44 4.79 -2.64
N GLY A 233 37.51 4.23 -3.40
CA GLY A 233 36.47 3.39 -2.82
C GLY A 233 35.35 4.19 -2.16
N ILE A 234 35.09 5.38 -2.70
CA ILE A 234 34.06 6.28 -2.18
C ILE A 234 33.06 6.59 -3.27
N LYS A 235 31.79 6.29 -3.04
CA LYS A 235 30.78 6.57 -4.04
C LYS A 235 30.25 7.96 -3.75
N ILE A 236 29.50 8.53 -4.68
CA ILE A 236 28.97 9.88 -4.47
C ILE A 236 27.48 9.93 -4.78
N ILE A 237 26.73 10.66 -3.95
CA ILE A 237 25.29 10.75 -4.10
C ILE A 237 24.84 12.20 -4.16
N LEU A 238 23.91 12.50 -5.04
CA LEU A 238 23.45 13.87 -5.18
C LEU A 238 22.03 14.09 -4.73
N ASP A 239 21.77 15.32 -4.30
CA ASP A 239 20.48 15.74 -3.83
C ASP A 239 19.58 16.06 -5.04
N ALA A 240 18.52 15.28 -5.23
CA ALA A 240 17.60 15.53 -6.34
C ALA A 240 16.49 16.46 -5.88
N VAL A 241 16.47 17.68 -6.40
CA VAL A 241 15.44 18.63 -6.02
C VAL A 241 14.39 18.71 -7.11
N PHE A 242 13.57 17.65 -7.26
CA PHE A 242 12.53 17.63 -8.30
C PHE A 242 11.16 18.16 -7.90
N ASN A 243 10.99 18.58 -6.65
CA ASN A 243 9.67 19.05 -6.24
C ASN A 243 9.37 20.44 -6.74
N HIS A 244 10.34 21.32 -6.55
CA HIS A 244 10.24 22.71 -6.98
C HIS A 244 11.50 23.13 -7.73
N ALA A 245 11.46 24.32 -8.32
CA ALA A 245 12.62 24.81 -9.06
C ALA A 245 12.89 26.23 -8.63
N GLY A 246 14.10 26.71 -8.93
CA GLY A 246 14.47 28.08 -8.61
C GLY A 246 13.80 28.97 -9.64
N ASP A 247 13.40 30.16 -9.24
CA ASP A 247 12.73 31.05 -10.18
C ASP A 247 13.65 31.53 -11.29
N GLN A 248 14.80 30.88 -11.44
CA GLN A 248 15.78 31.22 -12.47
C GLN A 248 15.74 30.11 -13.51
N PHE A 249 15.16 28.97 -13.14
CA PHE A 249 15.01 27.82 -14.03
C PHE A 249 14.47 28.41 -15.32
N PHE A 250 15.14 28.11 -16.43
CA PHE A 250 14.74 28.67 -17.71
C PHE A 250 13.23 28.67 -17.94
N ALA A 251 12.61 27.51 -17.75
CA ALA A 251 11.17 27.40 -17.95
C ALA A 251 10.37 28.42 -17.14
N PHE A 252 10.79 28.71 -15.93
CA PHE A 252 10.02 29.65 -15.13
C PHE A 252 10.25 31.06 -15.60
N ARG A 253 11.48 31.35 -15.98
CA ARG A 253 11.81 32.68 -16.46
C ARG A 253 10.95 32.98 -17.68
N ASP A 254 10.76 31.95 -18.51
CA ASP A 254 9.95 32.08 -19.71
C ASP A 254 8.51 32.49 -19.40
N VAL A 255 7.90 31.83 -18.42
CA VAL A 255 6.53 32.14 -18.03
C VAL A 255 6.46 33.58 -17.52
N LEU A 256 7.50 34.00 -16.83
CA LEU A 256 7.57 35.35 -16.31
C LEU A 256 7.67 36.32 -17.48
N GLN A 257 8.23 35.84 -18.59
CA GLN A 257 8.39 36.65 -19.79
C GLN A 257 7.15 36.53 -20.68
N LYS A 258 7.07 35.44 -21.44
CA LYS A 258 5.96 35.23 -22.35
C LYS A 258 4.57 35.17 -21.70
N GLY A 259 4.50 35.44 -20.40
CA GLY A 259 3.22 35.39 -19.71
C GLY A 259 2.29 34.23 -20.05
N GLU A 260 1.14 34.56 -20.63
CA GLU A 260 0.12 33.59 -21.00
C GLU A 260 0.47 32.74 -22.22
N GLN A 261 1.43 33.22 -23.01
CA GLN A 261 1.85 32.48 -24.20
C GLN A 261 2.99 31.53 -23.91
N SER A 262 3.47 31.50 -22.68
CA SER A 262 4.59 30.62 -22.38
C SER A 262 4.26 29.17 -22.65
N ARG A 263 5.19 28.47 -23.28
CA ARG A 263 5.00 27.06 -23.62
C ARG A 263 5.17 26.25 -22.35
N TYR A 264 5.37 26.93 -21.23
CA TYR A 264 5.58 26.24 -19.97
C TYR A 264 4.65 26.55 -18.80
N LYS A 265 3.60 27.33 -19.05
CA LYS A 265 2.65 27.68 -18.00
C LYS A 265 2.08 26.46 -17.27
N ASP A 266 2.09 25.31 -17.93
CA ASP A 266 1.58 24.09 -17.33
C ASP A 266 2.71 23.21 -16.78
N TRP A 267 3.83 23.85 -16.44
CA TRP A 267 5.00 23.16 -15.89
C TRP A 267 5.03 23.57 -14.43
N PHE A 268 4.13 24.49 -14.11
CA PHE A 268 3.99 25.02 -12.77
C PHE A 268 2.51 25.10 -12.38
N PHE A 269 2.23 25.69 -11.22
CA PHE A 269 0.86 25.81 -10.73
C PHE A 269 0.48 27.28 -10.68
N ILE A 270 0.31 27.88 -11.85
CA ILE A 270 -0.04 29.30 -11.93
C ILE A 270 -1.52 29.52 -11.64
N GLU A 271 -1.82 30.44 -10.74
CA GLU A 271 -3.22 30.73 -10.41
C GLU A 271 -3.77 31.76 -11.38
N ASP A 272 -3.01 32.81 -11.62
CA ASP A 272 -3.39 33.87 -12.54
C ASP A 272 -2.16 34.52 -13.19
N PHE A 273 -2.37 35.24 -14.27
CA PHE A 273 -1.28 35.92 -14.98
C PHE A 273 -1.42 37.45 -14.86
N PRO A 274 -0.31 38.18 -14.88
CA PRO A 274 1.07 37.68 -15.01
C PRO A 274 1.63 37.14 -13.68
N VAL A 275 2.68 36.33 -13.76
CA VAL A 275 3.31 35.76 -12.57
C VAL A 275 3.66 36.90 -11.60
N SER A 276 4.18 36.59 -10.42
CA SER A 276 4.48 37.67 -9.48
C SER A 276 5.91 38.03 -9.06
N LYS A 277 5.97 39.00 -8.16
CA LYS A 277 7.20 39.58 -7.65
C LYS A 277 7.75 39.07 -6.32
N THR A 278 7.43 39.85 -5.30
CA THR A 278 7.82 39.60 -3.93
C THR A 278 6.91 38.54 -3.30
N SER A 279 7.29 38.07 -2.10
CA SER A 279 6.53 37.05 -1.37
C SER A 279 5.05 37.45 -1.26
N ARG A 280 4.34 37.31 -2.36
CA ARG A 280 2.94 37.62 -2.51
C ARG A 280 2.67 36.89 -3.81
N THR A 281 3.44 35.84 -3.98
CA THR A 281 3.43 34.98 -5.14
C THR A 281 2.00 34.62 -5.55
N ASN A 282 1.85 34.20 -6.80
CA ASN A 282 0.54 33.80 -7.31
C ASN A 282 0.68 32.49 -8.08
N TYR A 283 1.70 31.73 -7.71
CA TYR A 283 1.99 30.43 -8.31
C TYR A 283 2.33 29.56 -7.11
N GLU A 284 1.97 28.28 -7.14
CA GLU A 284 2.25 27.44 -5.98
C GLU A 284 3.75 27.25 -5.74
N THR A 285 4.17 27.41 -4.48
CA THR A 285 5.58 27.25 -4.12
C THR A 285 5.78 26.19 -3.04
N PHE A 286 7.04 25.88 -2.80
CA PHE A 286 7.40 24.92 -1.76
C PHE A 286 7.00 25.65 -0.49
N ALA A 287 6.53 24.91 0.51
CA ALA A 287 6.13 25.53 1.77
C ALA A 287 5.12 26.63 1.54
N VAL A 288 5.32 27.77 2.18
CA VAL A 288 4.40 28.89 2.03
C VAL A 288 5.08 30.22 1.70
N GLN A 289 4.62 30.85 0.62
CA GLN A 289 5.14 32.13 0.16
C GLN A 289 6.66 32.21 -0.06
N VAL A 290 7.24 31.18 -0.65
CA VAL A 290 8.66 31.19 -0.94
C VAL A 290 8.78 31.41 -2.46
N PRO A 291 8.91 32.69 -2.88
CA PRO A 291 9.03 33.10 -4.29
C PRO A 291 10.09 32.39 -5.12
N ALA A 292 11.28 32.23 -4.54
CA ALA A 292 12.39 31.61 -5.26
C ALA A 292 12.20 30.14 -5.60
N MET A 293 11.15 29.52 -5.07
CA MET A 293 10.97 28.10 -5.34
C MET A 293 9.61 27.66 -5.86
N PRO A 294 9.28 28.07 -7.10
CA PRO A 294 7.98 27.68 -7.68
C PRO A 294 7.88 26.15 -7.73
N LYS A 295 6.67 25.60 -7.65
CA LYS A 295 6.54 24.15 -7.67
C LYS A 295 6.49 23.53 -9.06
N LEU A 296 7.28 22.49 -9.26
CA LEU A 296 7.28 21.80 -10.53
C LEU A 296 6.01 20.93 -10.59
N ARG A 297 5.54 20.65 -11.79
CA ARG A 297 4.35 19.81 -11.95
C ARG A 297 4.79 18.47 -12.55
N THR A 298 5.40 17.64 -11.71
CA THR A 298 5.89 16.34 -12.13
C THR A 298 4.79 15.45 -12.70
N GLU A 299 3.54 15.90 -12.57
CA GLU A 299 2.43 15.12 -13.11
C GLU A 299 2.37 15.37 -14.61
N ASN A 300 2.82 16.55 -15.02
CA ASN A 300 2.85 16.93 -16.43
C ASN A 300 3.94 16.07 -17.08
N PRO A 301 3.60 15.32 -18.14
CA PRO A 301 4.52 14.43 -18.86
C PRO A 301 5.80 15.12 -19.32
N GLU A 302 5.69 16.38 -19.71
CA GLU A 302 6.84 17.12 -20.19
C GLU A 302 7.86 17.32 -19.09
N VAL A 303 7.40 17.77 -17.93
CA VAL A 303 8.27 17.97 -16.77
C VAL A 303 8.95 16.65 -16.36
N LYS A 304 8.20 15.56 -16.42
CA LYS A 304 8.73 14.28 -16.04
C LYS A 304 9.92 13.89 -16.91
N GLU A 305 9.75 13.92 -18.22
CA GLU A 305 10.85 13.51 -19.10
C GLU A 305 12.01 14.50 -19.00
N TYR A 306 11.71 15.75 -18.69
CA TYR A 306 12.78 16.71 -18.53
C TYR A 306 13.64 16.27 -17.35
N LEU A 307 13.07 16.24 -16.14
CA LEU A 307 13.80 15.82 -14.95
C LEU A 307 14.43 14.45 -15.12
N PHE A 308 13.78 13.57 -15.87
CA PHE A 308 14.35 12.26 -16.13
C PHE A 308 15.63 12.41 -16.97
N ASP A 309 15.58 13.30 -17.97
CA ASP A 309 16.75 13.56 -18.81
C ASP A 309 17.84 14.12 -17.89
N VAL A 310 17.42 15.02 -16.99
CA VAL A 310 18.31 15.62 -16.01
C VAL A 310 18.96 14.48 -15.23
N ALA A 311 18.17 13.47 -14.94
CA ALA A 311 18.66 12.34 -14.18
C ALA A 311 19.60 11.49 -15.04
N ARG A 312 19.29 11.37 -16.33
CA ARG A 312 20.14 10.58 -17.21
C ARG A 312 21.49 11.27 -17.36
N PHE A 313 21.46 12.60 -17.47
CA PHE A 313 22.70 13.36 -17.65
C PHE A 313 23.70 13.23 -16.52
N TRP A 314 23.20 13.17 -15.28
CA TRP A 314 24.11 13.05 -14.15
C TRP A 314 24.53 11.63 -13.86
N MET A 315 23.73 10.68 -14.30
CA MET A 315 24.12 9.31 -14.05
C MET A 315 25.12 8.92 -15.12
N GLU A 316 25.24 9.78 -16.13
CA GLU A 316 26.18 9.52 -17.21
C GLU A 316 27.57 9.89 -16.70
N GLN A 317 27.59 10.80 -15.72
CA GLN A 317 28.84 11.24 -15.11
C GLN A 317 29.30 10.24 -14.06
N GLY A 318 28.55 9.16 -13.89
CA GLY A 318 28.92 8.12 -12.95
C GLY A 318 28.54 8.19 -11.48
N ILE A 319 27.56 9.02 -11.12
CA ILE A 319 27.16 9.10 -9.72
C ILE A 319 26.63 7.74 -9.30
N ASP A 320 26.50 7.56 -8.00
CA ASP A 320 26.05 6.30 -7.47
C ASP A 320 24.64 6.28 -6.86
N GLY A 321 23.96 7.42 -6.86
CA GLY A 321 22.61 7.42 -6.31
C GLY A 321 22.03 8.79 -6.09
N TRP A 322 20.83 8.83 -5.52
CA TRP A 322 20.17 10.10 -5.25
C TRP A 322 19.54 10.21 -3.86
N ARG A 323 19.35 11.46 -3.43
CA ARG A 323 18.70 11.74 -2.16
C ARG A 323 17.54 12.65 -2.60
N LEU A 324 16.31 12.11 -2.53
CA LEU A 324 15.14 12.84 -2.98
C LEU A 324 14.62 13.91 -2.03
N ASN A 325 15.00 15.15 -2.30
CA ASN A 325 14.59 16.29 -1.50
C ASN A 325 13.08 16.48 -1.57
N VAL A 326 12.43 16.64 -0.41
CA VAL A 326 10.99 16.85 -0.35
C VAL A 326 10.23 15.77 -1.14
N ALA A 327 10.83 14.58 -1.23
CA ALA A 327 10.25 13.47 -1.96
C ALA A 327 8.72 13.32 -1.89
N ASN A 328 8.17 13.32 -0.68
CA ASN A 328 6.74 13.13 -0.52
C ASN A 328 5.80 14.14 -1.17
N GLU A 329 6.32 15.16 -1.82
CA GLU A 329 5.39 16.09 -2.46
C GLU A 329 5.32 15.92 -3.99
N VAL A 330 5.88 14.82 -4.48
CA VAL A 330 5.82 14.52 -5.90
C VAL A 330 5.23 13.11 -6.01
N ASP A 331 4.27 12.96 -6.92
CA ASP A 331 3.52 11.73 -7.18
C ASP A 331 4.27 10.42 -7.15
N HIS A 332 3.56 9.33 -6.88
CA HIS A 332 4.17 8.01 -6.81
C HIS A 332 4.51 7.48 -8.19
N ALA A 333 3.64 7.75 -9.17
CA ALA A 333 3.91 7.28 -10.51
C ALA A 333 5.32 7.75 -10.88
N PHE A 334 5.58 9.03 -10.62
CA PHE A 334 6.88 9.59 -10.92
C PHE A 334 7.96 8.73 -10.30
N TRP A 335 7.94 8.58 -8.99
CA TRP A 335 8.94 7.78 -8.31
C TRP A 335 9.07 6.33 -8.80
N ARG A 336 7.95 5.70 -9.16
CA ARG A 336 8.06 4.31 -9.65
C ARG A 336 8.81 4.30 -10.97
N GLU A 337 8.43 5.20 -11.86
CA GLU A 337 9.09 5.28 -13.14
C GLU A 337 10.53 5.74 -12.95
N PHE A 338 10.75 6.63 -11.99
CA PHE A 338 12.09 7.10 -11.71
C PHE A 338 12.96 5.91 -11.31
N ARG A 339 12.42 5.04 -10.46
CA ARG A 339 13.16 3.88 -10.00
C ARG A 339 13.51 2.97 -11.17
N ARG A 340 12.54 2.75 -12.06
CA ARG A 340 12.78 1.89 -13.21
C ARG A 340 13.88 2.49 -14.07
N LEU A 341 13.78 3.78 -14.37
CA LEU A 341 14.76 4.46 -15.20
C LEU A 341 16.14 4.40 -14.58
N VAL A 342 16.21 4.76 -13.30
CA VAL A 342 17.47 4.73 -12.59
C VAL A 342 18.04 3.33 -12.56
N LYS A 343 17.26 2.37 -12.06
CA LYS A 343 17.72 1.01 -11.95
C LYS A 343 18.18 0.37 -13.25
N SER A 344 17.65 0.85 -14.37
CA SER A 344 18.07 0.30 -15.66
C SER A 344 19.47 0.83 -15.98
N LEU A 345 19.68 2.14 -15.80
CA LEU A 345 20.99 2.73 -16.05
C LEU A 345 22.05 2.14 -15.14
N ASN A 346 21.81 2.16 -13.84
CA ASN A 346 22.76 1.61 -12.87
C ASN A 346 22.06 0.88 -11.71
N PRO A 347 22.07 -0.47 -11.75
CA PRO A 347 21.46 -1.34 -10.73
C PRO A 347 21.91 -1.07 -9.31
N ASP A 348 23.05 -0.42 -9.17
CA ASP A 348 23.59 -0.14 -7.85
C ASP A 348 23.45 1.33 -7.47
N ALA A 349 22.54 2.00 -8.17
CA ALA A 349 22.25 3.41 -7.92
C ALA A 349 21.30 3.43 -6.73
N LEU A 350 21.68 4.13 -5.67
CA LEU A 350 20.88 4.21 -4.45
C LEU A 350 19.83 5.30 -4.47
N ILE A 351 18.61 4.97 -4.07
CA ILE A 351 17.56 5.99 -4.04
C ILE A 351 17.07 6.22 -2.62
N VAL A 352 17.51 7.31 -2.00
CA VAL A 352 17.10 7.62 -0.64
C VAL A 352 16.18 8.83 -0.57
N GLY A 353 15.01 8.62 0.01
CA GLY A 353 14.03 9.68 0.13
C GLY A 353 14.17 10.46 1.42
N GLU A 354 13.57 11.65 1.43
CA GLU A 354 13.60 12.54 2.57
C GLU A 354 12.18 12.85 2.99
N ILE A 355 11.62 12.00 3.84
CA ILE A 355 10.26 12.21 4.31
C ILE A 355 10.24 12.21 5.81
N TRP A 356 9.64 13.23 6.40
CA TRP A 356 9.59 13.34 7.86
C TRP A 356 8.28 12.86 8.47
N HIS A 357 7.92 11.62 8.15
CA HIS A 357 6.73 10.94 8.68
C HIS A 357 6.70 9.53 8.09
N ASP A 358 5.78 8.70 8.57
CA ASP A 358 5.71 7.32 8.10
C ASP A 358 5.88 7.24 6.57
N ALA A 359 6.97 6.62 6.15
CA ALA A 359 7.30 6.49 4.74
C ALA A 359 6.78 5.20 4.12
N SER A 360 6.12 4.38 4.93
CA SER A 360 5.59 3.09 4.46
C SER A 360 5.22 3.03 2.97
N GLY A 361 4.45 4.02 2.49
CA GLY A 361 4.03 4.04 1.10
C GLY A 361 5.10 4.17 0.02
N TRP A 362 6.32 4.54 0.38
CA TRP A 362 7.39 4.66 -0.59
C TRP A 362 8.43 3.58 -0.30
N LEU A 363 8.08 2.64 0.57
CA LEU A 363 9.02 1.59 0.93
C LEU A 363 8.52 0.16 0.75
N MET A 364 7.80 -0.07 -0.34
CA MET A 364 7.28 -1.40 -0.65
C MET A 364 8.26 -2.14 -1.56
N GLY A 365 9.16 -1.40 -2.18
CA GLY A 365 10.14 -2.01 -3.08
C GLY A 365 10.00 -1.57 -4.53
N ASP A 366 9.16 -0.58 -4.80
CA ASP A 366 8.97 -0.11 -6.16
C ASP A 366 9.22 1.41 -6.32
N GLN A 367 9.90 2.00 -5.35
CA GLN A 367 10.19 3.43 -5.40
C GLN A 367 11.51 3.76 -4.72
N PHE A 368 11.53 3.92 -3.40
CA PHE A 368 12.78 4.23 -2.69
C PHE A 368 13.45 2.98 -2.13
N ASP A 369 14.72 3.10 -1.80
CA ASP A 369 15.48 1.99 -1.23
C ASP A 369 15.55 2.23 0.26
N SER A 370 15.31 3.49 0.63
CA SER A 370 15.38 3.89 2.02
C SER A 370 14.98 5.35 2.21
N VAL A 371 15.20 5.86 3.43
CA VAL A 371 14.91 7.25 3.75
C VAL A 371 15.84 7.68 4.88
N MET A 372 15.74 8.95 5.28
CA MET A 372 16.55 9.47 6.37
C MET A 372 15.79 9.01 7.61
N ASN A 373 16.51 8.41 8.55
CA ASN A 373 15.87 7.95 9.76
C ASN A 373 15.74 9.05 10.81
N TYR A 374 14.82 9.98 10.60
CA TYR A 374 14.63 11.07 11.56
C TYR A 374 14.26 10.52 12.93
N LEU A 375 13.52 9.41 12.95
CA LEU A 375 13.13 8.76 14.19
C LEU A 375 14.38 8.50 15.04
N PHE A 376 15.30 7.71 14.50
CA PHE A 376 16.55 7.37 15.19
C PHE A 376 17.16 8.64 15.73
N ARG A 377 17.06 9.73 14.97
CA ARG A 377 17.64 10.99 15.40
C ARG A 377 16.88 11.56 16.57
N GLU A 378 15.56 11.41 16.57
CA GLU A 378 14.73 11.91 17.67
C GLU A 378 15.00 11.09 18.94
N SER A 379 15.16 9.79 18.77
CA SER A 379 15.41 8.89 19.89
C SER A 379 16.77 9.17 20.46
N VAL A 380 17.76 9.31 19.59
CA VAL A 380 19.12 9.55 20.06
C VAL A 380 19.26 10.93 20.73
N ILE A 381 18.63 11.95 20.16
CA ILE A 381 18.70 13.28 20.76
C ILE A 381 18.19 13.29 22.21
N ARG A 382 17.02 12.69 22.42
CA ARG A 382 16.43 12.64 23.74
C ARG A 382 17.01 11.64 24.74
N PHE A 383 17.73 10.63 24.26
CA PHE A 383 18.34 9.65 25.16
C PHE A 383 19.74 10.04 25.57
N PHE A 384 20.53 10.50 24.61
CA PHE A 384 21.92 10.87 24.88
C PHE A 384 22.18 12.35 25.12
N ALA A 385 21.52 13.20 24.35
CA ALA A 385 21.76 14.63 24.48
C ALA A 385 20.95 15.36 25.53
N THR A 386 19.63 15.43 25.36
CA THR A 386 18.80 16.15 26.31
C THR A 386 18.28 15.32 27.48
N GLY A 387 18.76 14.09 27.59
CA GLY A 387 18.32 13.22 28.66
C GLY A 387 16.83 13.20 28.96
N GLU A 388 16.00 13.60 27.98
CA GLU A 388 14.55 13.62 28.17
C GLU A 388 13.83 12.27 28.29
N ILE A 389 14.51 11.18 27.94
CA ILE A 389 13.90 9.88 28.07
C ILE A 389 14.92 8.93 28.67
N HIS A 390 14.49 7.74 29.10
CA HIS A 390 15.38 6.79 29.72
C HIS A 390 15.61 5.51 28.92
N ALA A 391 16.56 4.71 29.40
CA ALA A 391 16.94 3.47 28.74
C ALA A 391 15.79 2.61 28.23
N GLU A 392 14.64 2.69 28.88
CA GLU A 392 13.50 1.88 28.50
C GLU A 392 12.60 2.54 27.47
N ARG A 393 12.45 3.86 27.57
CA ARG A 393 11.63 4.59 26.60
C ARG A 393 12.39 4.51 25.28
N PHE A 394 13.71 4.60 25.40
CA PHE A 394 14.65 4.54 24.29
C PHE A 394 14.42 3.20 23.60
N ASP A 395 14.53 2.12 24.37
CA ASP A 395 14.35 0.79 23.80
C ASP A 395 13.04 0.71 23.04
N ALA A 396 12.01 1.31 23.61
CA ALA A 396 10.69 1.29 23.00
C ALA A 396 10.72 1.98 21.66
N GLU A 397 11.26 3.19 21.64
CA GLU A 397 11.36 3.98 20.42
C GLU A 397 12.17 3.26 19.32
N LEU A 398 13.32 2.70 19.69
CA LEU A 398 14.12 1.99 18.71
C LEU A 398 13.33 0.89 18.05
N THR A 399 12.57 0.16 18.87
CA THR A 399 11.78 -0.97 18.40
C THR A 399 10.57 -0.56 17.59
N ARG A 400 9.85 0.45 18.05
CA ARG A 400 8.67 0.87 17.33
C ARG A 400 9.03 1.25 15.90
N ALA A 401 10.09 2.03 15.74
CA ALA A 401 10.50 2.42 14.40
C ALA A 401 10.94 1.19 13.63
N ARG A 402 11.86 0.43 14.22
CA ARG A 402 12.39 -0.78 13.62
C ARG A 402 11.34 -1.71 13.01
N MET A 403 10.08 -1.52 13.35
CA MET A 403 9.03 -2.38 12.83
C MET A 403 8.20 -1.75 11.73
N LEU A 404 8.36 -0.45 11.55
CA LEU A 404 7.61 0.28 10.52
C LEU A 404 7.69 -0.26 9.11
N TYR A 405 8.89 -0.63 8.67
CA TYR A 405 9.04 -1.07 7.28
C TYR A 405 9.62 -2.45 7.03
N PRO A 406 9.51 -2.93 5.78
CA PRO A 406 10.05 -4.24 5.42
C PRO A 406 11.51 -4.19 5.79
N GLU A 407 12.06 -5.31 6.26
CA GLU A 407 13.45 -5.32 6.65
C GLU A 407 14.36 -4.66 5.62
N GLN A 408 14.28 -5.09 4.36
CA GLN A 408 15.12 -4.53 3.30
C GLN A 408 15.31 -3.01 3.45
N ALA A 409 14.20 -2.30 3.63
CA ALA A 409 14.28 -0.86 3.80
C ALA A 409 14.85 -0.55 5.17
N ALA A 410 14.43 -1.30 6.19
CA ALA A 410 14.92 -1.06 7.55
C ALA A 410 16.43 -1.10 7.60
N GLN A 411 17.00 -2.16 7.04
CA GLN A 411 18.42 -2.37 6.99
C GLN A 411 19.22 -1.18 6.46
N GLY A 412 18.59 -0.34 5.66
CA GLY A 412 19.29 0.78 5.06
C GLY A 412 18.95 2.22 5.44
N LEU A 413 18.07 2.43 6.42
CA LEU A 413 17.74 3.81 6.80
C LEU A 413 19.03 4.58 7.12
N TRP A 414 19.06 5.87 6.78
CA TRP A 414 20.24 6.67 7.08
C TRP A 414 20.13 7.22 8.50
N ASN A 415 20.90 6.64 9.42
CA ASN A 415 20.86 7.06 10.80
C ASN A 415 21.70 8.29 11.08
N LEU A 416 21.09 9.45 10.99
CA LEU A 416 21.80 10.69 11.21
C LEU A 416 21.57 11.33 12.58
N LEU A 417 22.56 12.07 13.08
CA LEU A 417 22.45 12.72 14.37
C LEU A 417 21.97 14.14 14.13
N ASP A 418 22.53 14.76 13.10
CA ASP A 418 22.21 16.14 12.75
C ASP A 418 22.36 16.34 11.23
N SER A 419 21.80 17.44 10.72
CA SER A 419 21.86 17.74 9.31
C SER A 419 22.07 19.24 9.18
N HIS A 420 22.17 19.73 7.95
CA HIS A 420 22.37 21.15 7.74
C HIS A 420 21.07 21.91 8.06
N ASN A 421 20.10 21.19 8.62
CA ASN A 421 18.81 21.78 8.99
C ASN A 421 18.59 21.74 10.50
N THR A 422 19.65 21.45 11.25
CA THR A 422 19.54 21.37 12.70
C THR A 422 20.84 21.76 13.37
N GLU A 423 20.74 22.06 14.66
CA GLU A 423 21.92 22.40 15.46
C GLU A 423 22.79 21.15 15.46
N ARG A 424 24.09 21.30 15.65
CA ARG A 424 24.96 20.13 15.67
C ARG A 424 24.67 19.30 16.92
N PHE A 425 24.87 17.99 16.82
CA PHE A 425 24.61 17.11 17.94
C PHE A 425 25.40 17.50 19.17
N LEU A 426 26.68 17.80 18.99
CA LEU A 426 27.52 18.19 20.13
C LEU A 426 26.84 19.34 20.88
N THR A 427 26.35 20.33 20.14
CA THR A 427 25.65 21.46 20.75
C THR A 427 24.46 20.91 21.55
N SER A 428 23.69 20.02 20.93
CA SER A 428 22.53 19.39 21.56
C SER A 428 22.92 18.77 22.90
N CYS A 429 24.17 18.33 22.99
CA CYS A 429 24.68 17.72 24.21
C CYS A 429 25.23 18.74 25.18
N GLY A 430 24.98 20.01 24.92
CA GLY A 430 25.51 21.05 25.79
C GLY A 430 27.03 20.93 25.90
N GLY A 431 27.64 20.56 24.78
CA GLY A 431 29.09 20.40 24.76
C GLY A 431 29.64 19.28 25.63
N ASN A 432 28.93 18.17 25.77
CA ASN A 432 29.47 17.10 26.58
C ASN A 432 30.05 16.00 25.71
N GLU A 433 31.33 16.11 25.41
CA GLU A 433 31.96 15.09 24.58
C GLU A 433 31.55 13.68 25.00
N ALA A 434 31.72 13.36 26.29
CA ALA A 434 31.38 12.04 26.84
C ALA A 434 30.04 11.50 26.36
N LYS A 435 29.00 12.33 26.41
CA LYS A 435 27.68 11.92 25.97
C LYS A 435 27.69 11.72 24.46
N PHE A 436 28.21 12.73 23.75
CA PHE A 436 28.33 12.73 22.29
C PHE A 436 28.96 11.43 21.82
N ARG A 437 30.10 11.07 22.41
CA ARG A 437 30.78 9.86 22.01
C ARG A 437 29.88 8.65 22.13
N LEU A 438 29.22 8.51 23.28
CA LEU A 438 28.36 7.36 23.48
C LEU A 438 27.34 7.27 22.36
N ALA A 439 26.79 8.42 21.96
CA ALA A 439 25.83 8.44 20.88
C ALA A 439 26.49 7.95 19.59
N VAL A 440 27.71 8.41 19.30
CA VAL A 440 28.39 7.95 18.10
C VAL A 440 28.65 6.44 18.20
N LEU A 441 29.07 5.96 19.37
CA LEU A 441 29.34 4.54 19.56
C LEU A 441 28.07 3.73 19.22
N PHE A 442 26.91 4.29 19.55
CA PHE A 442 25.64 3.64 19.24
C PHE A 442 25.40 3.70 17.74
N GLN A 443 25.61 4.88 17.17
CA GLN A 443 25.41 5.07 15.74
C GLN A 443 26.25 4.12 14.89
N MET A 444 27.52 3.96 15.27
CA MET A 444 28.41 3.08 14.53
C MET A 444 28.20 1.60 14.78
N THR A 445 27.19 1.25 15.58
CA THR A 445 26.94 -0.16 15.89
C THR A 445 25.48 -0.56 15.77
N TYR A 446 24.61 0.41 15.51
CA TYR A 446 23.18 0.14 15.40
C TYR A 446 22.76 -0.28 13.99
N LEU A 447 21.54 -0.79 13.88
CA LEU A 447 20.98 -1.26 12.63
C LEU A 447 20.62 -0.10 11.72
N GLY A 448 21.23 -0.10 10.53
CA GLY A 448 20.98 0.94 9.56
C GLY A 448 22.27 1.39 8.90
N THR A 449 22.25 2.60 8.36
CA THR A 449 23.41 3.17 7.70
C THR A 449 23.85 4.41 8.44
N PRO A 450 25.09 4.44 8.94
CA PRO A 450 25.50 5.65 9.66
C PRO A 450 25.69 6.82 8.69
N LEU A 451 25.31 8.01 9.12
CA LEU A 451 25.48 9.20 8.30
C LEU A 451 26.22 10.26 9.10
N ILE A 452 27.48 10.50 8.75
CA ILE A 452 28.33 11.48 9.41
C ILE A 452 28.23 12.87 8.79
N TYR A 453 27.84 13.86 9.59
CA TYR A 453 27.71 15.25 9.12
C TYR A 453 29.07 15.93 9.24
N TYR A 454 29.60 16.42 8.12
CA TYR A 454 30.93 17.04 8.12
C TYR A 454 31.17 17.92 9.33
N GLY A 455 32.32 17.72 9.97
CA GLY A 455 32.66 18.51 11.13
C GLY A 455 32.54 17.72 12.41
N ASP A 456 31.40 17.07 12.61
CA ASP A 456 31.16 16.28 13.79
C ASP A 456 32.42 15.48 14.19
N GLU A 457 32.94 14.68 13.27
CA GLU A 457 34.12 13.87 13.55
C GLU A 457 35.28 14.67 14.10
N ILE A 458 35.19 15.98 14.00
CA ILE A 458 36.27 16.81 14.48
C ILE A 458 35.92 17.61 15.72
N GLY A 459 34.64 17.76 16.00
CA GLY A 459 34.23 18.47 17.20
C GLY A 459 33.52 19.79 16.98
N MET A 460 33.18 20.07 15.73
CA MET A 460 32.49 21.30 15.41
C MET A 460 31.20 21.42 16.21
N ALA A 461 30.66 22.63 16.28
CA ALA A 461 29.45 22.84 17.04
C ALA A 461 28.74 24.07 16.50
N GLY A 462 27.44 24.14 16.72
CA GLY A 462 26.67 25.29 16.25
C GLY A 462 25.18 25.14 16.37
N ALA A 463 24.48 26.27 16.26
CA ALA A 463 23.03 26.28 16.34
C ALA A 463 22.43 25.77 15.04
N THR A 464 21.13 25.98 14.87
CA THR A 464 20.47 25.54 13.67
C THR A 464 20.74 26.55 12.55
N ASP A 465 20.16 26.28 11.39
CA ASP A 465 20.29 27.14 10.21
C ASP A 465 20.40 28.60 10.62
N PRO A 466 21.50 29.27 10.27
CA PRO A 466 22.62 28.70 9.52
C PRO A 466 23.88 28.42 10.35
N ASP A 467 23.78 28.51 11.67
CA ASP A 467 24.96 28.28 12.52
C ASP A 467 25.53 26.85 12.43
N CYS A 468 24.74 25.91 11.90
CA CYS A 468 25.21 24.54 11.75
C CYS A 468 25.96 24.40 10.43
N ARG A 469 25.92 25.46 9.63
CA ARG A 469 26.57 25.48 8.34
C ARG A 469 27.88 26.28 8.36
N ARG A 470 28.62 26.20 9.46
CA ARG A 470 29.90 26.92 9.56
C ARG A 470 30.92 26.20 8.68
N PRO A 471 32.04 26.88 8.37
CA PRO A 471 33.09 26.26 7.53
C PRO A 471 33.89 25.22 8.31
N MET A 472 34.22 24.13 7.63
CA MET A 472 35.00 23.05 8.21
C MET A 472 36.23 23.60 8.93
N ILE A 473 36.72 22.85 9.90
CA ILE A 473 37.92 23.23 10.66
C ILE A 473 39.03 22.36 10.08
N TRP A 474 40.06 22.96 9.50
CA TRP A 474 41.12 22.15 8.94
C TRP A 474 42.46 22.19 9.68
N GLU A 475 42.73 23.27 10.40
CA GLU A 475 43.98 23.37 11.17
C GLU A 475 43.99 22.23 12.19
N GLU A 476 44.79 21.20 11.94
CA GLU A 476 44.85 20.05 12.83
C GLU A 476 44.83 20.31 14.34
N LYS A 477 45.67 21.23 14.80
CA LYS A 477 45.72 21.52 16.23
C LYS A 477 44.51 22.29 16.71
N GLU A 478 43.51 22.39 15.85
CA GLU A 478 42.27 23.08 16.19
C GLU A 478 41.12 22.08 16.01
N GLN A 479 41.49 20.81 15.78
CA GLN A 479 40.52 19.74 15.60
C GLN A 479 40.66 18.71 16.72
N ASN A 480 39.53 18.11 17.11
CA ASN A 480 39.53 17.09 18.14
C ASN A 480 40.06 15.82 17.53
N ARG A 481 41.37 15.65 17.50
CA ARG A 481 41.93 14.45 16.89
C ARG A 481 41.70 13.18 17.68
N GLY A 482 41.44 13.32 18.97
CA GLY A 482 41.17 12.13 19.76
C GLY A 482 39.82 11.57 19.36
N LEU A 483 38.88 12.47 19.09
CA LEU A 483 37.53 12.11 18.66
C LEU A 483 37.59 11.50 17.28
N PHE A 484 38.43 12.09 16.44
CA PHE A 484 38.62 11.65 15.06
C PHE A 484 39.13 10.22 15.06
N GLU A 485 40.08 9.94 15.94
CA GLU A 485 40.64 8.60 16.00
C GLU A 485 39.62 7.66 16.60
N PHE A 486 38.60 8.22 17.23
CA PHE A 486 37.53 7.43 17.81
C PHE A 486 36.66 6.97 16.64
N TYR A 487 36.10 7.93 15.90
CA TYR A 487 35.26 7.60 14.73
C TYR A 487 35.99 6.59 13.87
N LYS A 488 37.26 6.86 13.59
CA LYS A 488 38.04 5.95 12.78
C LYS A 488 37.91 4.50 13.22
N GLU A 489 38.14 4.25 14.51
CA GLU A 489 38.09 2.90 15.08
C GLU A 489 36.70 2.24 15.05
N LEU A 490 35.64 3.03 15.24
CA LEU A 490 34.30 2.49 15.21
C LEU A 490 34.03 2.03 13.79
N ILE A 491 34.26 2.94 12.85
CA ILE A 491 34.09 2.68 11.42
C ILE A 491 34.91 1.46 11.02
N ARG A 492 36.14 1.37 11.55
CA ARG A 492 36.98 0.21 11.22
C ARG A 492 36.23 -1.04 11.64
N LEU A 493 35.79 -1.07 12.90
CA LEU A 493 35.05 -2.19 13.44
C LEU A 493 33.83 -2.46 12.61
N ARG A 494 33.01 -1.43 12.41
CA ARG A 494 31.81 -1.61 11.63
C ARG A 494 32.11 -2.34 10.32
N HIS A 495 33.20 -1.98 9.64
CA HIS A 495 33.52 -2.67 8.41
C HIS A 495 33.94 -4.12 8.68
N ARG A 496 34.66 -4.35 9.77
CA ARG A 496 35.15 -5.70 10.09
C ARG A 496 34.12 -6.70 10.65
N LEU A 497 33.14 -6.22 11.41
CA LEU A 497 32.13 -7.08 12.02
C LEU A 497 30.82 -7.20 11.24
N ALA A 498 30.69 -8.31 10.51
CA ALA A 498 29.54 -8.60 9.67
C ALA A 498 28.21 -8.22 10.31
N SER A 499 27.96 -8.77 11.49
CA SER A 499 26.74 -8.51 12.22
C SER A 499 26.38 -7.04 12.32
N LEU A 500 27.38 -6.17 12.33
CA LEU A 500 27.13 -4.74 12.45
C LEU A 500 26.60 -4.15 11.16
N THR A 501 26.93 -4.79 10.04
CA THR A 501 26.47 -4.29 8.76
C THR A 501 25.36 -5.12 8.16
N ARG A 502 25.29 -6.40 8.49
CA ARG A 502 24.26 -7.25 7.91
C ARG A 502 23.45 -8.08 8.89
N GLY A 503 23.63 -7.83 10.17
CA GLY A 503 22.90 -8.57 11.17
C GLY A 503 21.64 -7.85 11.61
N ASN A 504 20.88 -8.48 12.51
CA ASN A 504 19.66 -7.87 13.02
C ASN A 504 19.88 -7.32 14.43
N VAL A 505 18.84 -6.72 14.99
CA VAL A 505 18.92 -6.16 16.34
C VAL A 505 17.97 -6.83 17.28
N ARG A 506 18.40 -6.94 18.53
CA ARG A 506 17.57 -7.52 19.56
C ARG A 506 17.94 -6.88 20.88
N SER A 507 16.95 -6.36 21.60
CA SER A 507 17.19 -5.75 22.90
C SER A 507 17.88 -6.80 23.77
N TRP A 508 18.71 -6.33 24.69
CA TRP A 508 19.45 -7.22 25.57
C TRP A 508 19.41 -6.76 27.04
N HIS A 509 18.98 -5.53 27.27
CA HIS A 509 18.90 -5.01 28.62
C HIS A 509 18.44 -3.57 28.64
N ALA A 510 17.45 -3.28 29.46
CA ALA A 510 16.92 -1.94 29.57
C ALA A 510 16.56 -1.64 31.02
N ASP A 511 17.45 -0.93 31.71
CA ASP A 511 17.28 -0.58 33.11
C ASP A 511 17.06 0.92 33.23
N LYS A 512 15.80 1.35 33.32
CA LYS A 512 15.49 2.76 33.43
C LYS A 512 16.05 3.47 34.66
N GLN A 513 16.52 2.72 35.64
CA GLN A 513 17.08 3.36 36.82
C GLN A 513 18.55 3.63 36.58
N ALA A 514 19.27 2.60 36.14
CA ALA A 514 20.69 2.73 35.84
C ALA A 514 20.87 3.51 34.55
N ASN A 515 19.81 3.55 33.77
CA ASN A 515 19.79 4.22 32.47
C ASN A 515 20.86 3.59 31.62
N LEU A 516 20.88 2.27 31.64
CA LEU A 516 21.84 1.52 30.86
C LEU A 516 21.04 0.72 29.83
N TYR A 517 21.45 0.77 28.57
CA TYR A 517 20.75 0.05 27.51
C TYR A 517 21.71 -0.85 26.78
N ALA A 518 21.23 -2.00 26.33
CA ALA A 518 22.11 -2.93 25.63
C ALA A 518 21.37 -3.76 24.62
N PHE A 519 22.01 -3.97 23.46
CA PHE A 519 21.43 -4.73 22.36
C PHE A 519 22.43 -5.67 21.76
N VAL A 520 21.95 -6.59 20.93
CA VAL A 520 22.83 -7.55 20.29
C VAL A 520 22.55 -7.64 18.80
N ARG A 521 23.61 -7.61 18.01
CA ARG A 521 23.51 -7.70 16.56
C ARG A 521 23.94 -9.10 16.17
N THR A 522 23.13 -9.75 15.33
CA THR A 522 23.43 -11.13 14.93
C THR A 522 23.35 -11.45 13.45
N VAL A 523 24.29 -12.29 13.01
CA VAL A 523 24.33 -12.79 11.64
C VAL A 523 25.11 -14.10 11.73
N GLN A 524 24.56 -15.15 11.14
CA GLN A 524 25.20 -16.45 11.19
C GLN A 524 25.49 -16.79 12.64
N ASP A 525 26.73 -17.16 12.94
CA ASP A 525 27.11 -17.52 14.29
C ASP A 525 27.77 -16.37 15.05
N GLN A 526 27.84 -15.19 14.41
CA GLN A 526 28.45 -14.03 15.06
C GLN A 526 27.45 -13.25 15.91
N HIS A 527 27.87 -12.90 17.11
CA HIS A 527 27.05 -12.14 18.03
C HIS A 527 27.88 -10.98 18.57
N VAL A 528 27.38 -9.76 18.42
CA VAL A 528 28.10 -8.61 18.92
C VAL A 528 27.16 -7.83 19.82
N GLY A 529 27.47 -7.82 21.11
CA GLY A 529 26.63 -7.14 22.07
C GLY A 529 27.20 -5.82 22.50
N VAL A 530 26.40 -4.79 22.38
CA VAL A 530 26.80 -3.44 22.73
C VAL A 530 26.15 -3.06 24.05
N VAL A 531 26.94 -2.57 24.98
CA VAL A 531 26.41 -2.17 26.27
C VAL A 531 26.68 -0.70 26.42
N LEU A 532 25.63 0.08 26.67
CA LEU A 532 25.80 1.51 26.82
C LEU A 532 25.44 1.98 28.22
N ASN A 533 26.43 2.32 29.04
CA ASN A 533 26.17 2.83 30.39
C ASN A 533 25.98 4.33 30.25
N ASN A 534 24.82 4.73 29.79
CA ASN A 534 24.52 6.14 29.58
C ASN A 534 24.19 6.86 30.88
N ARG A 535 25.18 6.96 31.76
CA ARG A 535 25.00 7.62 33.03
C ARG A 535 26.35 8.12 33.55
N GLY A 536 26.35 9.27 34.22
CA GLY A 536 27.58 9.82 34.75
C GLY A 536 27.97 9.27 36.10
N GLU A 537 28.10 7.95 36.19
CA GLU A 537 28.47 7.30 37.44
C GLU A 537 28.74 5.84 37.15
N LYS A 538 29.97 5.41 37.40
CA LYS A 538 30.36 4.02 37.18
C LYS A 538 29.25 3.11 37.70
N GLN A 539 29.00 2.00 37.00
CA GLN A 539 27.96 1.07 37.42
C GLN A 539 28.27 -0.34 37.00
N THR A 540 27.65 -1.29 37.69
CA THR A 540 27.84 -2.69 37.39
C THR A 540 26.50 -3.32 37.04
N VAL A 541 26.51 -4.21 36.06
CA VAL A 541 25.28 -4.89 35.65
C VAL A 541 25.57 -6.34 35.35
N LEU A 542 24.53 -7.15 35.39
CA LEU A 542 24.63 -8.56 35.09
C LEU A 542 23.64 -8.79 33.96
N LEU A 543 24.14 -9.28 32.84
CA LEU A 543 23.28 -9.48 31.69
C LEU A 543 23.09 -10.96 31.38
N GLN A 544 21.86 -11.33 31.04
CA GLN A 544 21.57 -12.72 30.72
C GLN A 544 22.29 -13.07 29.44
N VAL A 545 22.80 -14.28 29.36
CA VAL A 545 23.51 -14.73 28.16
C VAL A 545 23.83 -16.22 28.27
N PRO A 546 22.91 -17.07 27.79
CA PRO A 546 23.07 -18.53 27.81
C PRO A 546 24.35 -19.02 27.12
N GLU A 547 24.94 -20.07 27.71
CA GLU A 547 26.18 -20.68 27.21
C GLU A 547 26.10 -21.22 25.78
N SER A 548 24.93 -21.13 25.16
CA SER A 548 24.75 -21.61 23.80
C SER A 548 25.38 -20.68 22.76
N GLY A 549 25.07 -19.38 22.86
CA GLY A 549 25.61 -18.41 21.92
C GLY A 549 26.98 -17.93 22.36
N GLY A 550 27.72 -18.84 22.98
CA GLY A 550 29.06 -18.54 23.46
C GLY A 550 29.01 -18.15 24.92
N LYS A 551 30.09 -18.42 25.66
CA LYS A 551 30.14 -18.06 27.07
C LYS A 551 31.36 -17.21 27.40
N THR A 552 32.03 -16.74 26.34
CA THR A 552 33.20 -15.89 26.49
C THR A 552 33.18 -14.83 25.41
N TRP A 553 33.32 -13.57 25.82
CA TRP A 553 33.30 -12.46 24.89
C TRP A 553 34.56 -11.60 24.98
N LEU A 554 34.72 -10.71 24.02
CA LEU A 554 35.89 -9.85 23.97
C LEU A 554 35.52 -8.43 23.61
N ASP A 555 35.86 -7.49 24.48
CA ASP A 555 35.56 -6.08 24.22
C ASP A 555 36.45 -5.57 23.07
N CYS A 556 35.82 -5.20 21.96
CA CYS A 556 36.57 -4.73 20.81
C CYS A 556 37.24 -3.38 20.98
N LEU A 557 36.79 -2.59 21.94
CA LEU A 557 37.38 -1.29 22.14
C LEU A 557 38.53 -1.28 23.14
N THR A 558 38.72 -2.38 23.85
CA THR A 558 39.78 -2.45 24.86
C THR A 558 40.60 -3.72 24.78
N GLY A 559 39.98 -4.78 24.28
CA GLY A 559 40.67 -6.05 24.16
C GLY A 559 40.50 -6.85 25.42
N GLU A 560 39.66 -6.36 26.34
CA GLU A 560 39.42 -7.07 27.59
C GLU A 560 38.56 -8.29 27.32
N GLU A 561 38.93 -9.41 27.94
CA GLU A 561 38.21 -10.67 27.78
C GLU A 561 37.21 -10.86 28.92
N VAL A 562 35.93 -11.07 28.58
CA VAL A 562 34.93 -11.27 29.62
C VAL A 562 34.33 -12.67 29.55
N HIS A 563 34.07 -13.25 30.72
CA HIS A 563 33.54 -14.61 30.81
C HIS A 563 32.16 -14.70 31.42
N GLY A 564 31.40 -15.67 30.94
CA GLY A 564 30.06 -15.88 31.46
C GLY A 564 30.13 -16.88 32.58
N LYS A 565 29.69 -16.47 33.76
CA LYS A 565 29.69 -17.35 34.92
C LYS A 565 28.26 -17.88 35.15
N GLN A 566 27.93 -18.94 34.43
CA GLN A 566 26.61 -19.55 34.56
C GLN A 566 25.49 -18.66 34.01
N GLY A 567 25.51 -18.44 32.70
CA GLY A 567 24.49 -17.63 32.07
C GLY A 567 24.47 -16.15 32.36
N GLN A 568 25.32 -15.68 33.27
CA GLN A 568 25.35 -14.25 33.58
C GLN A 568 26.67 -13.61 33.23
N LEU A 569 26.61 -12.30 32.99
CA LEU A 569 27.77 -11.49 32.64
C LEU A 569 27.83 -10.26 33.52
N LYS A 570 28.89 -10.14 34.30
CA LYS A 570 29.06 -9.02 35.21
C LYS A 570 29.98 -7.99 34.57
N LEU A 571 29.43 -6.82 34.28
CA LEU A 571 30.19 -5.75 33.64
C LEU A 571 30.22 -4.49 34.49
N THR A 572 31.33 -3.76 34.40
CA THR A 572 31.48 -2.52 35.14
C THR A 572 31.95 -1.47 34.14
N LEU A 573 31.07 -0.51 33.87
CA LEU A 573 31.35 0.55 32.90
C LEU A 573 31.66 1.86 33.60
N ARG A 574 32.62 2.61 33.06
CA ARG A 574 32.98 3.91 33.61
C ARG A 574 31.88 4.85 33.13
N PRO A 575 31.73 6.02 33.77
CA PRO A 575 30.69 6.98 33.36
C PRO A 575 30.58 7.16 31.85
N TYR A 576 29.40 6.89 31.32
CA TYR A 576 29.15 7.04 29.90
C TYR A 576 29.95 6.09 29.01
N GLN A 577 30.55 5.06 29.59
CA GLN A 577 31.31 4.12 28.78
C GLN A 577 30.42 3.18 27.98
N GLY A 578 30.98 2.65 26.89
CA GLY A 578 30.28 1.73 26.03
C GLY A 578 31.18 0.55 25.76
N MET A 579 30.61 -0.64 25.56
CA MET A 579 31.41 -1.82 25.29
C MET A 579 30.93 -2.58 24.07
N ILE A 580 31.84 -2.85 23.14
CA ILE A 580 31.53 -3.57 21.90
C ILE A 580 31.96 -5.05 22.07
N LEU A 581 31.13 -5.84 22.75
CA LEU A 581 31.43 -7.26 23.00
C LEU A 581 31.22 -8.19 21.82
N TRP A 582 32.31 -8.86 21.43
CA TRP A 582 32.31 -9.78 20.29
C TRP A 582 32.50 -11.22 20.74
N ASN A 583 31.59 -12.08 20.30
CA ASN A 583 31.63 -13.50 20.66
C ASN A 583 32.65 -14.27 19.84
N GLY A 584 33.45 -13.54 19.07
CA GLY A 584 34.47 -14.19 18.29
C GLY A 584 33.98 -14.89 17.03
N ARG A 585 32.80 -15.48 17.08
CA ARG A 585 32.26 -16.17 15.91
C ARG A 585 31.88 -15.19 14.81
N MET B 1 -10.20 2.36 27.93
CA MET B 1 -10.04 2.58 26.47
C MET B 1 -8.76 1.86 26.02
N LEU B 2 -8.92 0.65 25.48
CA LEU B 2 -7.80 -0.17 25.00
C LEU B 2 -7.07 0.45 23.81
N LEU B 3 -6.16 1.37 24.10
CA LEU B 3 -5.42 2.06 23.06
C LEU B 3 -4.76 1.11 22.06
N GLU B 4 -4.48 -0.12 22.46
CA GLU B 4 -3.86 -1.10 21.57
C GLU B 4 -4.77 -1.60 20.45
N ALA B 5 -6.02 -1.15 20.43
CA ALA B 5 -6.98 -1.57 19.43
C ALA B 5 -7.35 -0.44 18.47
N ILE B 6 -6.89 0.77 18.78
CA ILE B 6 -7.20 1.89 17.90
C ILE B 6 -6.29 1.79 16.68
N PHE B 7 -6.80 2.17 15.51
CA PHE B 7 -5.99 2.07 14.31
C PHE B 7 -6.13 3.19 13.29
N HIS B 8 -5.08 3.35 12.49
CA HIS B 8 -5.03 4.37 11.45
C HIS B 8 -3.68 4.32 10.74
N GLU B 9 -3.67 4.89 9.55
CA GLU B 9 -2.47 5.03 8.74
C GLU B 9 -2.93 6.08 7.78
N ALA B 10 -2.00 6.95 7.38
CA ALA B 10 -2.37 8.02 6.48
C ALA B 10 -2.28 7.55 5.05
N LYS B 11 -2.99 6.45 4.76
CA LYS B 11 -3.01 5.89 3.42
C LYS B 11 -4.11 4.86 3.21
N GLY B 12 -3.79 3.82 2.46
CA GLY B 12 -4.75 2.76 2.20
C GLY B 12 -6.22 3.12 2.22
N SER B 13 -6.97 2.44 3.07
CA SER B 13 -8.40 2.67 3.18
C SER B 13 -8.73 3.60 4.33
N TYR B 14 -7.74 3.93 5.14
CA TYR B 14 -8.01 4.82 6.25
C TYR B 14 -7.76 6.31 6.01
N ALA B 15 -6.97 6.62 5.00
CA ALA B 15 -6.69 8.01 4.64
C ALA B 15 -6.49 8.06 3.15
N TYR B 16 -7.42 8.72 2.46
CA TYR B 16 -7.37 8.83 1.00
C TYR B 16 -8.20 10.02 0.53
N PRO B 17 -7.90 10.54 -0.67
CA PRO B 17 -8.67 11.69 -1.18
C PRO B 17 -9.92 11.38 -2.01
N ILE B 18 -10.90 12.29 -1.97
CA ILE B 18 -12.11 12.10 -2.75
C ILE B 18 -12.18 13.22 -3.76
N SER B 19 -11.24 14.16 -3.63
CA SER B 19 -11.13 15.30 -4.53
C SER B 19 -9.73 15.84 -4.34
N GLU B 20 -9.35 16.88 -5.09
CA GLU B 20 -8.01 17.41 -4.96
C GLU B 20 -7.81 18.21 -3.66
N THR B 21 -8.92 18.64 -3.06
CA THR B 21 -8.88 19.42 -1.83
C THR B 21 -9.53 18.74 -0.63
N GLN B 22 -10.08 17.54 -0.82
CA GLN B 22 -10.76 16.83 0.26
C GLN B 22 -10.21 15.44 0.55
N LEU B 23 -9.79 15.24 1.79
CA LEU B 23 -9.24 13.96 2.26
C LEU B 23 -10.22 13.26 3.24
N ARG B 24 -10.35 11.94 3.13
CA ARG B 24 -11.24 11.19 4.01
C ARG B 24 -10.39 10.42 5.04
N VAL B 25 -10.78 10.48 6.30
CA VAL B 25 -10.00 9.76 7.31
C VAL B 25 -10.88 8.83 8.16
N ARG B 26 -10.54 7.56 8.16
CA ARG B 26 -11.26 6.52 8.89
C ARG B 26 -10.44 6.13 10.10
N LEU B 27 -11.11 5.97 11.25
CA LEU B 27 -10.46 5.56 12.46
C LEU B 27 -11.21 4.40 13.09
N ARG B 28 -10.52 3.26 13.22
CA ARG B 28 -11.08 2.05 13.84
C ARG B 28 -10.63 2.02 15.30
N ALA B 29 -11.53 1.55 16.18
CA ALA B 29 -11.27 1.45 17.63
C ALA B 29 -12.09 0.29 18.19
N LYS B 30 -11.80 -0.15 19.41
CA LYS B 30 -12.59 -1.24 19.99
C LYS B 30 -14.00 -0.75 20.15
N LYS B 31 -14.93 -1.68 19.96
CA LYS B 31 -16.34 -1.35 20.04
C LYS B 31 -16.72 -0.81 21.43
N GLY B 32 -17.21 0.42 21.45
CA GLY B 32 -17.63 1.02 22.70
C GLY B 32 -16.67 1.98 23.38
N ASP B 33 -15.38 1.82 23.14
CA ASP B 33 -14.36 2.67 23.76
C ASP B 33 -14.37 4.15 23.40
N VAL B 34 -14.75 4.50 22.17
CA VAL B 34 -14.79 5.92 21.80
C VAL B 34 -16.22 6.36 21.55
N VAL B 35 -16.62 7.49 22.15
CA VAL B 35 -17.99 7.98 21.97
C VAL B 35 -18.03 9.24 21.14
N ARG B 36 -16.87 9.83 20.91
CA ARG B 36 -16.77 11.04 20.12
C ARG B 36 -15.39 11.06 19.48
N CYS B 37 -15.37 11.22 18.15
CA CYS B 37 -14.12 11.25 17.41
C CYS B 37 -14.03 12.55 16.67
N GLU B 38 -13.06 13.37 17.05
CA GLU B 38 -12.86 14.66 16.39
C GLU B 38 -11.46 14.73 15.82
N VAL B 39 -11.33 15.43 14.71
CA VAL B 39 -10.02 15.58 14.07
C VAL B 39 -9.69 17.05 14.03
N LEU B 40 -8.52 17.38 14.56
CA LEU B 40 -8.02 18.74 14.56
C LEU B 40 -6.89 18.66 13.55
N TYR B 41 -6.93 19.54 12.56
CA TYR B 41 -5.93 19.49 11.51
C TYR B 41 -5.60 20.87 10.92
N ALA B 42 -4.61 20.89 10.03
CA ALA B 42 -4.17 22.12 9.37
C ALA B 42 -3.20 21.77 8.25
N ASP B 43 -2.80 22.78 7.48
CA ASP B 43 -1.86 22.59 6.40
C ASP B 43 -0.55 22.13 7.00
N ARG B 44 0.18 21.28 6.28
CA ARG B 44 1.44 20.76 6.78
C ARG B 44 2.46 21.85 7.10
N TYR B 45 2.45 22.95 6.36
CA TYR B 45 3.41 24.01 6.62
C TYR B 45 2.88 25.14 7.49
N ALA B 46 1.71 24.89 8.09
CA ALA B 46 1.07 25.89 8.96
C ALA B 46 1.92 26.25 10.19
N SER B 47 1.88 27.53 10.55
CA SER B 47 2.64 28.04 11.69
C SER B 47 2.18 27.48 13.02
N PRO B 48 3.13 27.30 13.95
CA PRO B 48 2.82 26.75 15.28
C PRO B 48 1.66 27.46 15.97
N GLU B 49 1.58 28.78 15.81
CA GLU B 49 0.54 29.56 16.44
C GLU B 49 -0.83 29.44 15.76
N GLU B 50 -0.86 29.12 14.47
CA GLU B 50 -2.12 29.00 13.75
C GLU B 50 -3.18 28.13 14.44
N GLU B 51 -4.38 28.68 14.56
CA GLU B 51 -5.53 28.03 15.18
C GLU B 51 -5.93 26.81 14.35
N LEU B 52 -5.91 25.62 14.93
CA LEU B 52 -6.27 24.40 14.20
C LEU B 52 -7.75 24.31 13.86
N ALA B 53 -8.06 23.55 12.80
CA ALA B 53 -9.43 23.38 12.35
C ALA B 53 -9.99 22.04 12.84
N HIS B 54 -11.30 21.99 13.09
CA HIS B 54 -11.92 20.77 13.57
C HIS B 54 -12.72 20.08 12.47
N ALA B 55 -13.21 18.89 12.81
CA ALA B 55 -14.02 18.11 11.89
C ALA B 55 -14.50 16.92 12.68
N LEU B 56 -15.81 16.78 12.83
CA LEU B 56 -16.39 15.67 13.58
C LEU B 56 -16.41 14.39 12.75
N ALA B 57 -15.91 13.30 13.33
CA ALA B 57 -15.88 12.02 12.64
C ALA B 57 -16.98 11.07 13.09
N GLY B 58 -18.18 11.24 12.55
CA GLY B 58 -19.31 10.39 12.92
C GLY B 58 -18.98 8.92 12.91
N LYS B 59 -19.78 8.12 13.60
CA LYS B 59 -19.55 6.68 13.66
C LYS B 59 -20.11 6.15 12.36
N ALA B 60 -19.23 5.76 11.45
CA ALA B 60 -19.70 5.26 10.17
C ALA B 60 -20.19 3.83 10.25
N GLY B 61 -19.87 3.14 11.34
CA GLY B 61 -20.32 1.77 11.43
C GLY B 61 -19.63 0.95 12.50
N SER B 62 -20.23 -0.20 12.81
CA SER B 62 -19.69 -1.09 13.82
C SER B 62 -19.80 -2.50 13.32
N ASP B 63 -18.92 -3.37 13.77
CA ASP B 63 -18.96 -4.76 13.37
C ASP B 63 -18.80 -5.63 14.60
N GLU B 64 -18.32 -6.85 14.42
CA GLU B 64 -18.18 -7.74 15.56
C GLU B 64 -17.32 -7.25 16.70
N ARG B 65 -16.15 -6.69 16.39
CA ARG B 65 -15.28 -6.26 17.46
C ARG B 65 -14.85 -4.81 17.47
N PHE B 66 -15.15 -4.07 16.41
CA PHE B 66 -14.75 -2.65 16.34
C PHE B 66 -15.81 -1.66 15.91
N ASP B 67 -15.49 -0.40 16.13
CA ASP B 67 -16.32 0.72 15.74
C ASP B 67 -15.50 1.43 14.66
N TYR B 68 -16.15 2.20 13.79
CA TYR B 68 -15.44 2.92 12.75
C TYR B 68 -15.98 4.33 12.61
N PHE B 69 -15.09 5.32 12.77
CA PHE B 69 -15.48 6.71 12.63
C PHE B 69 -14.91 7.22 11.30
N GLU B 70 -15.61 8.13 10.65
CA GLU B 70 -15.17 8.63 9.36
C GLU B 70 -15.25 10.15 9.29
N ALA B 71 -14.20 10.79 8.79
CA ALA B 71 -14.20 12.25 8.67
C ALA B 71 -13.74 12.77 7.31
N LEU B 72 -14.17 13.99 7.00
CA LEU B 72 -13.82 14.65 5.75
C LEU B 72 -13.07 15.96 6.01
N LEU B 73 -11.78 15.95 5.68
CA LEU B 73 -10.92 17.10 5.87
C LEU B 73 -10.87 18.04 4.65
N GLU B 74 -11.20 19.31 4.86
CA GLU B 74 -11.14 20.28 3.77
C GLU B 74 -9.71 20.81 3.69
N CYS B 75 -8.97 20.36 2.67
CA CYS B 75 -7.58 20.75 2.44
C CYS B 75 -7.43 21.65 1.23
N SER B 76 -7.47 22.96 1.42
CA SER B 76 -7.35 23.88 0.28
C SER B 76 -5.92 23.96 -0.27
N THR B 77 -4.93 23.58 0.54
CA THR B 77 -3.56 23.64 0.10
C THR B 77 -3.12 22.29 -0.44
N LYS B 78 -4.00 21.32 -0.43
CA LYS B 78 -3.69 19.98 -0.95
C LYS B 78 -2.63 19.28 -0.11
N ARG B 79 -2.39 19.81 1.09
CA ARG B 79 -1.42 19.25 2.03
C ARG B 79 -2.09 19.25 3.41
N VAL B 80 -1.85 18.24 4.23
CA VAL B 80 -2.51 18.22 5.54
C VAL B 80 -1.88 17.37 6.63
N LYS B 81 -1.82 17.92 7.85
CA LYS B 81 -1.32 17.21 9.03
C LYS B 81 -2.47 17.20 10.05
N TYR B 82 -2.72 16.06 10.67
CA TYR B 82 -3.83 15.98 11.61
C TYR B 82 -3.63 15.06 12.80
N VAL B 83 -4.34 15.37 13.87
CA VAL B 83 -4.31 14.58 15.10
C VAL B 83 -5.75 14.32 15.52
N PHE B 84 -5.99 13.15 16.13
CA PHE B 84 -7.34 12.79 16.60
C PHE B 84 -7.53 13.07 18.09
N LEU B 85 -8.74 13.52 18.43
CA LEU B 85 -9.12 13.78 19.82
C LEU B 85 -10.21 12.76 20.12
N LEU B 86 -9.86 11.70 20.84
CA LEU B 86 -10.79 10.64 21.20
C LEU B 86 -11.38 10.76 22.61
N THR B 87 -12.68 10.52 22.76
CA THR B 87 -13.34 10.57 24.06
C THR B 87 -13.95 9.23 24.41
N GLY B 88 -13.67 8.77 25.62
CA GLY B 88 -14.17 7.50 26.09
C GLY B 88 -15.49 7.58 26.82
N PRO B 89 -16.03 6.42 27.23
CA PRO B 89 -17.31 6.36 27.96
C PRO B 89 -17.29 7.29 29.17
N GLN B 90 -16.19 7.28 29.92
CA GLN B 90 -16.06 8.10 31.11
C GLN B 90 -15.45 9.48 30.87
N GLY B 91 -15.70 10.04 29.69
CA GLY B 91 -15.20 11.37 29.38
C GLY B 91 -13.70 11.59 29.28
N GLU B 92 -12.91 10.51 29.36
CA GLU B 92 -11.45 10.63 29.25
C GLU B 92 -11.07 11.08 27.83
N ALA B 93 -10.14 12.04 27.75
CA ALA B 93 -9.73 12.61 26.47
C ALA B 93 -8.34 12.25 25.99
N VAL B 94 -8.24 11.24 25.14
CA VAL B 94 -6.95 10.83 24.59
C VAL B 94 -6.73 11.44 23.22
N TYR B 95 -5.48 11.83 22.98
CA TYR B 95 -5.05 12.41 21.70
C TYR B 95 -4.30 11.36 20.90
N PHE B 96 -4.70 11.16 19.65
CA PHE B 96 -4.06 10.16 18.79
C PHE B 96 -3.27 10.80 17.66
N GLY B 97 -2.01 10.42 17.52
CA GLY B 97 -1.18 10.97 16.47
C GLY B 97 -0.16 9.98 15.94
N GLU B 98 0.80 10.47 15.17
CA GLU B 98 1.80 9.58 14.63
C GLU B 98 2.77 9.16 15.71
N THR B 99 3.03 10.06 16.65
CA THR B 99 3.94 9.79 17.76
C THR B 99 3.36 8.72 18.68
N GLY B 100 2.04 8.82 18.89
CA GLY B 100 1.32 7.88 19.74
C GLY B 100 0.14 8.51 20.48
N PHE B 101 -0.12 8.04 21.70
CA PHE B 101 -1.23 8.59 22.50
C PHE B 101 -0.72 9.49 23.59
N SER B 102 -1.53 10.47 23.97
CA SER B 102 -1.15 11.39 25.03
C SER B 102 -2.31 12.24 25.50
N ALA B 103 -2.25 12.64 26.77
CA ALA B 103 -3.29 13.47 27.32
C ALA B 103 -3.12 14.85 26.70
N GLU B 104 -1.91 15.12 26.22
CA GLU B 104 -1.61 16.41 25.61
C GLU B 104 -1.55 16.28 24.10
N ARG B 105 -2.10 17.27 23.40
CA ARG B 105 -2.13 17.29 21.94
C ARG B 105 -0.74 17.16 21.30
N SER B 106 0.18 18.02 21.72
CA SER B 106 1.53 18.05 21.18
C SER B 106 2.43 16.85 21.43
N LYS B 107 1.97 15.84 22.15
CA LYS B 107 2.82 14.70 22.43
C LYS B 107 2.34 13.47 21.70
N ALA B 108 1.24 13.62 20.97
CA ALA B 108 0.70 12.51 20.21
C ALA B 108 1.30 12.64 18.81
N GLY B 109 1.97 13.77 18.60
CA GLY B 109 2.56 14.03 17.30
C GLY B 109 1.46 14.49 16.39
N VAL B 110 1.57 14.12 15.11
CA VAL B 110 0.58 14.50 14.12
C VAL B 110 0.73 13.61 12.89
N PHE B 111 -0.39 13.21 12.31
CA PHE B 111 -0.35 12.39 11.12
C PHE B 111 -0.17 13.34 9.95
N GLN B 112 0.30 12.83 8.81
CA GLN B 112 0.50 13.66 7.64
C GLN B 112 0.13 13.02 6.30
N TYR B 113 -0.60 13.75 5.48
CA TYR B 113 -0.92 13.28 4.14
C TYR B 113 -0.19 14.32 3.30
N ALA B 114 1.07 14.04 3.01
CA ALA B 114 1.96 14.95 2.28
C ALA B 114 1.37 15.85 1.20
N TYR B 115 0.83 15.28 0.13
CA TYR B 115 0.27 16.09 -0.96
C TYR B 115 -0.79 15.34 -1.77
N ILE B 116 -1.83 16.05 -2.20
CA ILE B 116 -2.87 15.42 -2.99
C ILE B 116 -2.75 15.78 -4.46
N HIS B 117 -2.12 14.89 -5.21
CA HIS B 117 -1.93 15.05 -6.65
C HIS B 117 -3.18 14.59 -7.36
N ARG B 118 -3.84 15.49 -8.09
CA ARG B 118 -5.07 15.12 -8.78
C ARG B 118 -5.01 13.77 -9.51
N SER B 119 -3.83 13.34 -9.93
CA SER B 119 -3.74 12.07 -10.64
C SER B 119 -3.88 10.84 -9.76
N GLU B 120 -4.02 11.03 -8.46
CA GLU B 120 -4.16 9.89 -7.56
C GLU B 120 -5.55 9.79 -6.92
N VAL B 121 -6.44 10.71 -7.25
CA VAL B 121 -7.80 10.67 -6.72
C VAL B 121 -8.58 9.56 -7.41
N PHE B 122 -8.71 8.42 -6.74
CA PHE B 122 -9.45 7.26 -7.28
C PHE B 122 -10.66 7.68 -8.12
N THR B 123 -10.59 7.44 -9.43
CA THR B 123 -11.67 7.82 -10.31
C THR B 123 -12.22 6.63 -11.08
N THR B 124 -13.54 6.49 -11.12
CA THR B 124 -14.15 5.36 -11.83
C THR B 124 -15.26 5.83 -12.77
N PRO B 125 -15.59 5.00 -13.76
CA PRO B 125 -16.62 5.29 -14.76
C PRO B 125 -18.02 5.65 -14.24
N GLU B 126 -18.56 6.79 -14.64
CA GLU B 126 -19.89 7.19 -14.21
C GLU B 126 -20.97 6.16 -14.54
N TRP B 127 -20.91 5.56 -15.71
CA TRP B 127 -21.92 4.57 -16.05
C TRP B 127 -21.84 3.39 -15.07
N ALA B 128 -20.64 3.09 -14.59
CA ALA B 128 -20.48 1.99 -13.67
C ALA B 128 -21.15 2.27 -12.33
N LYS B 129 -21.28 3.54 -11.97
CA LYS B 129 -21.91 3.93 -10.71
C LYS B 129 -23.41 3.71 -10.63
N GLU B 130 -24.00 3.17 -11.69
CA GLU B 130 -25.43 2.95 -11.72
C GLU B 130 -25.81 1.71 -12.51
N ALA B 131 -24.83 0.89 -12.80
CA ALA B 131 -25.07 -0.30 -13.60
C ALA B 131 -25.64 -1.51 -12.90
N VAL B 132 -26.20 -2.39 -13.71
CA VAL B 132 -26.75 -3.65 -13.25
C VAL B 132 -26.18 -4.60 -14.29
N ILE B 133 -25.05 -5.22 -13.95
CA ILE B 133 -24.41 -6.15 -14.86
C ILE B 133 -25.21 -7.44 -14.89
N TYR B 134 -25.16 -8.14 -16.03
CA TYR B 134 -25.88 -9.39 -16.21
C TYR B 134 -24.91 -10.42 -16.80
N GLN B 135 -24.45 -11.36 -15.97
CA GLN B 135 -23.52 -12.37 -16.43
C GLN B 135 -24.11 -13.30 -17.46
N ILE B 136 -23.32 -13.56 -18.50
CA ILE B 136 -23.74 -14.45 -19.57
C ILE B 136 -22.74 -15.57 -19.81
N PHE B 137 -23.26 -16.79 -19.86
CA PHE B 137 -22.42 -17.94 -20.15
C PHE B 137 -22.84 -18.24 -21.58
N PRO B 138 -22.07 -17.74 -22.56
CA PRO B 138 -22.34 -17.94 -23.98
C PRO B 138 -22.91 -19.30 -24.37
N GLU B 139 -22.11 -20.35 -24.18
CA GLU B 139 -22.53 -21.72 -24.53
C GLU B 139 -23.95 -22.16 -24.18
N ARG B 140 -24.50 -21.67 -23.07
CA ARG B 140 -25.83 -22.11 -22.67
C ARG B 140 -26.89 -21.01 -22.52
N PHE B 141 -26.70 -19.87 -23.16
CA PHE B 141 -27.66 -18.78 -23.02
C PHE B 141 -28.73 -18.78 -24.12
N ALA B 142 -28.29 -18.92 -25.35
CA ALA B 142 -29.23 -18.93 -26.48
C ALA B 142 -28.52 -19.24 -27.80
N ASN B 143 -29.06 -20.22 -28.52
CA ASN B 143 -28.49 -20.61 -29.80
C ASN B 143 -29.27 -19.91 -30.91
N GLY B 144 -28.62 -18.99 -31.62
CA GLY B 144 -29.31 -18.28 -32.67
C GLY B 144 -28.85 -18.63 -34.08
N ASP B 145 -27.80 -19.44 -34.16
CA ASP B 145 -27.25 -19.86 -35.44
C ASP B 145 -26.79 -21.30 -35.29
N PRO B 146 -27.67 -22.26 -35.60
CA PRO B 146 -27.33 -23.68 -35.48
C PRO B 146 -26.27 -24.22 -36.45
N SER B 147 -25.69 -23.35 -37.26
CA SER B 147 -24.67 -23.78 -38.23
C SER B 147 -23.25 -23.80 -37.67
N ASN B 148 -23.06 -23.33 -36.44
CA ASN B 148 -21.74 -23.33 -35.81
C ASN B 148 -21.72 -24.27 -34.60
N ASP B 149 -22.84 -24.94 -34.37
CA ASP B 149 -22.98 -25.86 -33.26
C ASP B 149 -21.92 -26.95 -33.33
N PRO B 150 -21.34 -27.31 -32.18
CA PRO B 150 -20.31 -28.34 -32.10
C PRO B 150 -20.85 -29.76 -32.26
N PRO B 151 -20.00 -30.70 -32.69
CA PRO B 151 -20.43 -32.10 -32.87
C PRO B 151 -21.04 -32.69 -31.60
N GLY B 152 -22.29 -33.14 -31.71
CA GLY B 152 -22.97 -33.72 -30.56
C GLY B 152 -23.56 -32.67 -29.64
N THR B 153 -24.53 -31.92 -30.14
CA THR B 153 -25.19 -30.87 -29.37
C THR B 153 -26.48 -31.38 -28.75
N GLU B 154 -26.48 -31.60 -27.43
CA GLU B 154 -27.65 -32.09 -26.72
C GLU B 154 -28.90 -31.21 -26.93
N GLN B 155 -30.06 -31.77 -26.59
CA GLN B 155 -31.35 -31.10 -26.75
C GLN B 155 -31.59 -29.90 -25.83
N TRP B 156 -32.12 -28.83 -26.40
CA TRP B 156 -32.42 -27.61 -25.66
C TRP B 156 -33.76 -27.75 -24.96
N ALA B 157 -33.73 -28.21 -23.72
CA ALA B 157 -34.95 -28.41 -22.95
C ALA B 157 -34.84 -28.02 -21.48
N LYS B 158 -35.96 -27.59 -20.92
CA LYS B 158 -36.02 -27.19 -19.52
C LYS B 158 -35.84 -28.42 -18.64
N ASP B 159 -36.76 -29.38 -18.80
CA ASP B 159 -36.71 -30.63 -18.04
C ASP B 159 -35.48 -31.48 -18.39
N ALA B 160 -34.55 -30.88 -19.12
CA ALA B 160 -33.32 -31.57 -19.50
C ALA B 160 -32.28 -31.25 -18.43
N ARG B 161 -31.28 -32.11 -18.29
CA ARG B 161 -30.23 -31.89 -17.30
C ARG B 161 -28.85 -32.09 -17.92
N PRO B 162 -28.00 -31.06 -17.83
CA PRO B 162 -26.63 -31.06 -18.36
C PRO B 162 -25.64 -31.90 -17.58
N ARG B 163 -24.58 -32.31 -18.27
CA ARG B 163 -23.50 -33.10 -17.67
C ARG B 163 -22.18 -32.43 -18.09
N HIS B 164 -21.08 -32.89 -17.55
CA HIS B 164 -19.74 -32.34 -17.80
C HIS B 164 -19.41 -31.69 -19.16
N ASP B 165 -19.26 -32.49 -20.22
CA ASP B 165 -18.87 -31.94 -21.52
C ASP B 165 -20.05 -31.52 -22.39
N SER B 166 -21.26 -31.60 -21.86
CA SER B 166 -22.45 -31.25 -22.62
C SER B 166 -22.32 -29.96 -23.44
N PHE B 167 -23.06 -29.91 -24.54
CA PHE B 167 -23.09 -28.77 -25.46
C PHE B 167 -24.54 -28.44 -25.82
N TYR B 168 -24.78 -27.20 -26.22
CA TYR B 168 -26.12 -26.77 -26.58
C TYR B 168 -26.06 -25.64 -27.62
N GLY B 169 -24.86 -25.46 -28.19
CA GLY B 169 -24.63 -24.47 -29.23
C GLY B 169 -24.81 -22.99 -28.95
N GLY B 170 -25.17 -22.61 -27.72
CA GLY B 170 -25.36 -21.20 -27.41
C GLY B 170 -24.32 -20.35 -28.11
N ASP B 171 -24.74 -19.23 -28.71
CA ASP B 171 -23.81 -18.37 -29.44
C ASP B 171 -24.14 -16.89 -29.37
N LEU B 172 -23.31 -16.08 -30.03
CA LEU B 172 -23.49 -14.64 -30.05
C LEU B 172 -24.77 -14.20 -30.75
N LYS B 173 -25.03 -14.77 -31.93
CA LYS B 173 -26.21 -14.44 -32.70
C LYS B 173 -27.41 -14.62 -31.77
N GLY B 174 -27.31 -15.62 -30.90
CA GLY B 174 -28.38 -15.88 -29.97
C GLY B 174 -28.57 -14.70 -29.04
N VAL B 175 -27.46 -14.22 -28.47
CA VAL B 175 -27.49 -13.09 -27.55
C VAL B 175 -28.07 -11.85 -28.25
N ILE B 176 -27.72 -11.67 -29.51
CA ILE B 176 -28.22 -10.53 -30.28
C ILE B 176 -29.73 -10.59 -30.39
N ASP B 177 -30.24 -11.79 -30.64
CA ASP B 177 -31.69 -11.98 -30.78
C ASP B 177 -32.41 -11.80 -29.45
N ARG B 178 -31.65 -11.89 -28.35
CA ARG B 178 -32.22 -11.76 -27.01
C ARG B 178 -32.17 -10.37 -26.38
N LEU B 179 -31.37 -9.48 -26.92
CA LEU B 179 -31.25 -8.14 -26.38
C LEU B 179 -32.55 -7.48 -25.93
N PRO B 180 -33.62 -7.62 -26.72
CA PRO B 180 -34.90 -7.01 -26.35
C PRO B 180 -35.33 -7.42 -24.95
N TYR B 181 -35.17 -8.71 -24.68
CA TYR B 181 -35.49 -9.29 -23.39
C TYR B 181 -34.73 -8.48 -22.34
N LEU B 182 -33.40 -8.50 -22.48
CA LEU B 182 -32.51 -7.80 -21.57
C LEU B 182 -32.79 -6.30 -21.49
N GLU B 183 -33.18 -5.68 -22.59
CA GLU B 183 -33.46 -4.25 -22.57
C GLU B 183 -34.68 -4.00 -21.69
N GLU B 184 -35.61 -4.95 -21.69
CA GLU B 184 -36.82 -4.82 -20.91
C GLU B 184 -36.50 -5.09 -19.45
N LEU B 185 -35.59 -6.05 -19.22
CA LEU B 185 -35.18 -6.42 -17.88
C LEU B 185 -34.56 -5.21 -17.21
N GLY B 186 -33.89 -4.36 -18.01
CA GLY B 186 -33.28 -3.16 -17.48
C GLY B 186 -31.78 -3.20 -17.21
N VAL B 187 -31.11 -4.28 -17.57
CA VAL B 187 -29.69 -4.34 -17.32
C VAL B 187 -29.00 -3.30 -18.20
N THR B 188 -27.80 -2.87 -17.81
CA THR B 188 -27.09 -1.88 -18.60
C THR B 188 -25.74 -2.36 -19.07
N ALA B 189 -25.38 -3.58 -18.68
CA ALA B 189 -24.10 -4.12 -19.10
C ALA B 189 -24.16 -5.62 -19.11
N LEU B 190 -23.40 -6.22 -20.03
CA LEU B 190 -23.34 -7.66 -20.15
C LEU B 190 -21.94 -8.12 -19.88
N TYR B 191 -21.82 -9.09 -18.97
CA TYR B 191 -20.55 -9.66 -18.64
C TYR B 191 -20.48 -11.08 -19.23
N PHE B 192 -19.61 -11.26 -20.22
CA PHE B 192 -19.44 -12.55 -20.86
C PHE B 192 -18.23 -13.24 -20.23
N THR B 193 -18.25 -14.56 -20.17
CA THR B 193 -17.11 -15.30 -19.63
C THR B 193 -16.20 -15.48 -20.85
N PRO B 194 -15.22 -16.40 -20.78
CA PRO B 194 -14.36 -16.56 -21.97
C PRO B 194 -15.08 -16.95 -23.24
N ILE B 195 -14.75 -16.29 -24.33
CA ILE B 195 -15.39 -16.58 -25.61
C ILE B 195 -14.38 -16.68 -26.73
N PHE B 196 -13.11 -16.39 -26.42
CA PHE B 196 -12.04 -16.45 -27.42
C PHE B 196 -11.73 -17.89 -27.79
N ALA B 197 -11.39 -18.10 -29.06
CA ALA B 197 -11.10 -19.43 -29.58
C ALA B 197 -10.30 -20.33 -28.63
N SER B 198 -10.89 -21.48 -28.30
CA SER B 198 -10.26 -22.46 -27.41
C SER B 198 -10.81 -23.85 -27.70
N PRO B 199 -9.93 -24.85 -27.78
CA PRO B 199 -10.36 -26.22 -28.05
C PRO B 199 -11.26 -26.76 -26.95
N SER B 200 -11.30 -26.04 -25.83
CA SER B 200 -12.10 -26.44 -24.67
C SER B 200 -13.59 -26.10 -24.79
N HIS B 201 -14.34 -26.45 -23.75
CA HIS B 201 -15.77 -26.19 -23.68
C HIS B 201 -15.94 -24.89 -22.89
N HIS B 202 -14.99 -24.61 -22.01
CA HIS B 202 -15.02 -23.43 -21.16
C HIS B 202 -14.29 -22.23 -21.74
N LYS B 203 -13.24 -22.49 -22.52
CA LYS B 203 -12.45 -21.45 -23.14
C LYS B 203 -11.55 -20.65 -22.20
N TYR B 204 -11.12 -21.28 -21.11
CA TYR B 204 -10.25 -20.63 -20.14
C TYR B 204 -8.79 -20.98 -20.42
N ASP B 205 -8.57 -21.66 -21.55
CA ASP B 205 -7.23 -22.05 -21.99
C ASP B 205 -7.09 -21.59 -23.44
N THR B 206 -6.95 -20.28 -23.60
CA THR B 206 -6.84 -19.62 -24.90
C THR B 206 -5.93 -20.26 -25.97
N ALA B 207 -6.35 -20.15 -27.22
CA ALA B 207 -5.59 -20.67 -28.36
C ALA B 207 -5.24 -19.49 -29.27
N ASP B 208 -6.09 -18.48 -29.23
CA ASP B 208 -5.90 -17.27 -30.01
C ASP B 208 -6.71 -16.16 -29.37
N TYR B 209 -6.03 -15.22 -28.72
CA TYR B 209 -6.71 -14.11 -28.06
C TYR B 209 -7.33 -13.11 -29.03
N LEU B 210 -7.19 -13.36 -30.33
CA LEU B 210 -7.68 -12.43 -31.34
C LEU B 210 -8.86 -12.87 -32.20
N ALA B 211 -9.39 -14.06 -31.97
CA ALA B 211 -10.52 -14.54 -32.75
C ALA B 211 -11.60 -15.14 -31.86
N ILE B 212 -12.86 -14.78 -32.11
CA ILE B 212 -13.94 -15.34 -31.32
C ILE B 212 -14.00 -16.82 -31.63
N ASP B 213 -14.32 -17.63 -30.64
CA ASP B 213 -14.42 -19.06 -30.86
C ASP B 213 -15.53 -19.27 -31.88
N PRO B 214 -15.20 -19.88 -33.04
CA PRO B 214 -16.16 -20.14 -34.12
C PRO B 214 -17.44 -20.82 -33.64
N GLN B 215 -17.37 -21.41 -32.44
CA GLN B 215 -18.53 -22.05 -31.85
C GLN B 215 -19.54 -20.97 -31.46
N PHE B 216 -19.06 -19.73 -31.31
CA PHE B 216 -19.92 -18.62 -30.94
C PHE B 216 -20.12 -17.64 -32.11
N GLY B 217 -19.18 -17.62 -33.03
CA GLY B 217 -19.30 -16.73 -34.17
C GLY B 217 -18.01 -16.23 -34.81
N ASP B 218 -18.11 -15.03 -35.37
CA ASP B 218 -17.00 -14.38 -36.05
C ASP B 218 -16.93 -12.94 -35.60
N LEU B 219 -15.81 -12.26 -35.89
CA LEU B 219 -15.67 -10.88 -35.51
C LEU B 219 -16.81 -10.03 -36.05
N PRO B 220 -17.22 -10.24 -37.31
CA PRO B 220 -18.32 -9.43 -37.84
C PRO B 220 -19.56 -9.51 -36.95
N THR B 221 -19.94 -10.73 -36.60
CA THR B 221 -21.10 -10.93 -35.72
C THR B 221 -20.86 -10.20 -34.42
N PHE B 222 -19.68 -10.40 -33.82
CA PHE B 222 -19.35 -9.75 -32.57
C PHE B 222 -19.52 -8.24 -32.62
N ARG B 223 -18.91 -7.61 -33.61
CA ARG B 223 -19.01 -6.17 -33.76
C ARG B 223 -20.46 -5.74 -33.75
N ARG B 224 -21.35 -6.64 -34.18
CA ARG B 224 -22.77 -6.34 -34.23
C ARG B 224 -23.45 -6.45 -32.87
N LEU B 225 -23.01 -7.39 -32.04
CA LEU B 225 -23.57 -7.56 -30.70
C LEU B 225 -23.28 -6.27 -29.96
N VAL B 226 -22.03 -5.84 -30.07
CA VAL B 226 -21.55 -4.63 -29.43
C VAL B 226 -22.39 -3.41 -29.83
N ASP B 227 -22.89 -3.39 -31.06
CA ASP B 227 -23.66 -2.26 -31.54
C ASP B 227 -25.14 -2.32 -31.16
N GLU B 228 -25.75 -3.48 -31.29
CA GLU B 228 -27.16 -3.62 -30.95
C GLU B 228 -27.33 -3.42 -29.45
N ALA B 229 -26.34 -3.89 -28.69
CA ALA B 229 -26.37 -3.76 -27.24
C ALA B 229 -26.26 -2.28 -26.88
N HIS B 230 -25.33 -1.58 -27.51
CA HIS B 230 -25.16 -0.17 -27.21
C HIS B 230 -26.41 0.68 -27.44
N ARG B 231 -27.08 0.53 -28.58
CA ARG B 231 -28.27 1.34 -28.80
C ARG B 231 -29.37 1.05 -27.80
N ARG B 232 -29.38 -0.17 -27.27
CA ARG B 232 -30.38 -0.55 -26.26
C ARG B 232 -29.78 -0.24 -24.90
N GLY B 233 -28.79 0.65 -24.89
CA GLY B 233 -28.15 1.05 -23.65
C GLY B 233 -27.57 -0.08 -22.83
N ILE B 234 -26.79 -0.94 -23.48
CA ILE B 234 -26.14 -2.05 -22.81
C ILE B 234 -24.66 -2.11 -23.19
N LYS B 235 -23.78 -2.06 -22.20
CA LYS B 235 -22.35 -2.12 -22.47
C LYS B 235 -21.85 -3.56 -22.39
N ILE B 236 -20.71 -3.83 -23.03
CA ILE B 236 -20.17 -5.18 -23.05
C ILE B 236 -18.80 -5.33 -22.43
N ILE B 237 -18.75 -6.19 -21.42
CA ILE B 237 -17.52 -6.48 -20.67
C ILE B 237 -17.07 -7.90 -20.94
N LEU B 238 -15.82 -8.05 -21.38
CA LEU B 238 -15.27 -9.36 -21.67
C LEU B 238 -14.34 -9.89 -20.59
N ASP B 239 -14.15 -11.21 -20.57
CA ASP B 239 -13.29 -11.86 -19.58
C ASP B 239 -11.86 -12.02 -20.11
N ALA B 240 -10.92 -11.32 -19.48
CA ALA B 240 -9.52 -11.38 -19.87
C ALA B 240 -8.82 -12.46 -19.05
N VAL B 241 -8.06 -13.32 -19.71
CA VAL B 241 -7.34 -14.39 -19.01
C VAL B 241 -5.85 -14.20 -19.24
N PHE B 242 -5.25 -13.20 -18.61
CA PHE B 242 -3.83 -12.94 -18.81
C PHE B 242 -2.87 -13.64 -17.88
N ASN B 243 -3.39 -14.42 -16.94
CA ASN B 243 -2.52 -15.12 -16.02
C ASN B 243 -1.77 -16.22 -16.74
N HIS B 244 -2.52 -16.99 -17.53
CA HIS B 244 -1.97 -18.11 -18.27
C HIS B 244 -2.59 -18.16 -19.65
N ALA B 245 -2.14 -19.12 -20.46
CA ALA B 245 -2.66 -19.31 -21.81
C ALA B 245 -2.93 -20.79 -22.01
N GLY B 246 -3.55 -21.15 -23.13
CA GLY B 246 -3.84 -22.54 -23.40
C GLY B 246 -2.72 -23.19 -24.16
N ASP B 247 -2.54 -24.51 -23.99
CA ASP B 247 -1.48 -25.24 -24.69
C ASP B 247 -1.60 -25.16 -26.20
N GLN B 248 -2.67 -24.51 -26.66
CA GLN B 248 -2.91 -24.35 -28.07
C GLN B 248 -2.41 -22.98 -28.52
N PHE B 249 -2.07 -22.13 -27.54
CA PHE B 249 -1.56 -20.79 -27.79
C PHE B 249 -0.30 -20.89 -28.64
N PHE B 250 -0.37 -20.30 -29.83
CA PHE B 250 0.74 -20.34 -30.78
C PHE B 250 2.12 -20.22 -30.14
N ALA B 251 2.35 -19.12 -29.43
CA ALA B 251 3.64 -18.90 -28.80
C ALA B 251 4.08 -20.09 -27.97
N PHE B 252 3.13 -20.84 -27.46
CA PHE B 252 3.45 -22.00 -26.64
C PHE B 252 3.78 -23.23 -27.49
N ARG B 253 3.03 -23.43 -28.56
CA ARG B 253 3.26 -24.57 -29.45
C ARG B 253 4.66 -24.48 -30.03
N ASP B 254 5.04 -23.27 -30.43
CA ASP B 254 6.37 -23.06 -30.99
C ASP B 254 7.41 -23.48 -29.96
N VAL B 255 7.09 -23.31 -28.68
CA VAL B 255 8.01 -23.69 -27.61
C VAL B 255 8.23 -25.19 -27.69
N LEU B 256 7.15 -25.94 -27.46
CA LEU B 256 7.19 -27.39 -27.51
C LEU B 256 8.10 -27.91 -28.64
N GLN B 257 7.83 -27.46 -29.86
CA GLN B 257 8.58 -27.90 -31.04
C GLN B 257 10.04 -27.47 -31.23
N LYS B 258 10.37 -26.23 -30.91
CA LYS B 258 11.75 -25.79 -31.06
C LYS B 258 12.50 -25.97 -29.75
N GLY B 259 11.75 -26.31 -28.70
CA GLY B 259 12.34 -26.51 -27.39
C GLY B 259 13.10 -25.27 -26.93
N GLU B 260 14.30 -25.47 -26.39
CA GLU B 260 15.09 -24.34 -25.94
C GLU B 260 15.59 -23.51 -27.11
N GLN B 261 15.01 -23.72 -28.28
CA GLN B 261 15.37 -22.98 -29.49
C GLN B 261 14.25 -22.04 -29.87
N SER B 262 13.13 -22.16 -29.15
CA SER B 262 11.96 -21.34 -29.39
C SER B 262 12.19 -19.91 -28.89
N ARG B 263 11.87 -18.93 -29.73
CA ARG B 263 12.05 -17.53 -29.33
C ARG B 263 10.90 -17.18 -28.38
N TYR B 264 10.41 -18.16 -27.63
CA TYR B 264 9.32 -17.93 -26.69
C TYR B 264 9.44 -18.72 -25.40
N LYS B 265 10.50 -19.50 -25.26
CA LYS B 265 10.68 -20.29 -24.05
C LYS B 265 10.62 -19.42 -22.80
N ASP B 266 10.95 -18.15 -22.96
CA ASP B 266 10.94 -17.24 -21.84
C ASP B 266 9.60 -16.55 -21.64
N TRP B 267 8.61 -16.98 -22.42
CA TRP B 267 7.28 -16.42 -22.29
C TRP B 267 6.56 -17.23 -21.22
N PHE B 268 7.21 -18.30 -20.76
CA PHE B 268 6.62 -19.17 -19.76
C PHE B 268 7.64 -19.63 -18.71
N PHE B 269 7.14 -20.34 -17.70
CA PHE B 269 7.99 -20.84 -16.62
C PHE B 269 8.33 -22.31 -16.83
N ILE B 270 9.24 -22.59 -17.75
CA ILE B 270 9.63 -23.95 -18.05
C ILE B 270 10.86 -24.35 -17.23
N GLU B 271 10.70 -25.40 -16.43
CA GLU B 271 11.79 -25.90 -15.59
C GLU B 271 12.90 -26.50 -16.46
N ASP B 272 12.79 -27.79 -16.75
CA ASP B 272 13.77 -28.51 -17.56
C ASP B 272 13.20 -28.81 -18.96
N PHE B 273 14.05 -29.25 -19.88
CA PHE B 273 13.60 -29.57 -21.23
C PHE B 273 13.73 -31.06 -21.52
N PRO B 274 12.96 -31.59 -22.50
CA PRO B 274 11.97 -30.87 -23.32
C PRO B 274 10.67 -30.56 -22.57
N VAL B 275 9.85 -29.71 -23.17
CA VAL B 275 8.58 -29.33 -22.57
C VAL B 275 7.71 -30.58 -22.46
N SER B 276 7.44 -31.01 -21.23
CA SER B 276 6.65 -32.21 -20.98
C SER B 276 5.32 -32.28 -21.72
N LYS B 277 5.13 -33.37 -22.46
CA LYS B 277 3.90 -33.61 -23.21
C LYS B 277 3.12 -34.69 -22.48
N THR B 278 3.54 -34.96 -21.25
CA THR B 278 2.91 -35.98 -20.40
C THR B 278 2.00 -35.27 -19.39
N SER B 279 1.32 -36.05 -18.55
CA SER B 279 0.46 -35.46 -17.53
C SER B 279 1.41 -34.77 -16.55
N ARG B 280 2.66 -35.25 -16.54
CA ARG B 280 3.72 -34.71 -15.70
C ARG B 280 4.17 -33.39 -16.32
N THR B 281 3.51 -32.30 -15.93
CA THR B 281 3.85 -30.98 -16.44
C THR B 281 5.22 -30.54 -15.93
N ASN B 282 6.08 -30.17 -16.87
CA ASN B 282 7.43 -29.73 -16.57
C ASN B 282 7.51 -28.19 -16.60
N TYR B 283 6.43 -27.57 -17.02
CA TYR B 283 6.34 -26.12 -17.09
C TYR B 283 5.33 -25.64 -16.05
N GLU B 284 5.47 -24.41 -15.58
CA GLU B 284 4.54 -23.87 -14.58
C GLU B 284 3.18 -23.61 -15.21
N THR B 285 2.15 -24.14 -14.55
CA THR B 285 0.78 -24.01 -15.02
C THR B 285 -0.18 -23.54 -13.93
N PHE B 286 -1.39 -23.19 -14.35
CA PHE B 286 -2.43 -22.75 -13.44
C PHE B 286 -2.70 -23.85 -12.42
N ALA B 287 -3.00 -23.46 -11.19
CA ALA B 287 -3.30 -24.41 -10.11
C ALA B 287 -2.27 -25.52 -10.00
N VAL B 288 -2.70 -26.67 -9.49
CA VAL B 288 -1.80 -27.82 -9.33
C VAL B 288 -1.77 -28.71 -10.57
N GLN B 289 -0.74 -28.53 -11.39
CA GLN B 289 -0.54 -29.28 -12.62
C GLN B 289 -1.74 -29.47 -13.55
N VAL B 290 -1.94 -28.48 -14.41
CA VAL B 290 -3.02 -28.48 -15.39
C VAL B 290 -2.32 -28.21 -16.72
N PRO B 291 -1.78 -29.27 -17.35
CA PRO B 291 -1.06 -29.17 -18.63
C PRO B 291 -1.71 -28.30 -19.71
N ALA B 292 -3.01 -28.11 -19.64
CA ALA B 292 -3.72 -27.30 -20.64
C ALA B 292 -3.56 -25.79 -20.49
N MET B 293 -3.25 -25.33 -19.29
CA MET B 293 -3.12 -23.89 -19.04
C MET B 293 -1.76 -23.45 -18.49
N PRO B 294 -0.75 -23.34 -19.36
CA PRO B 294 0.60 -22.93 -18.96
C PRO B 294 0.62 -21.45 -18.57
N LYS B 295 1.30 -21.14 -17.47
CA LYS B 295 1.40 -19.76 -16.97
C LYS B 295 2.16 -18.82 -17.89
N LEU B 296 1.67 -17.58 -18.01
CA LEU B 296 2.33 -16.58 -18.85
C LEU B 296 3.21 -15.67 -18.00
N ARG B 297 4.48 -15.57 -18.37
CA ARG B 297 5.44 -14.73 -17.67
C ARG B 297 5.17 -13.26 -18.04
N THR B 298 4.18 -12.67 -17.34
CA THR B 298 3.77 -11.30 -17.58
C THR B 298 4.80 -10.25 -17.17
N GLU B 299 5.85 -10.69 -16.49
CA GLU B 299 6.89 -9.78 -16.08
C GLU B 299 7.74 -9.49 -17.30
N ASN B 300 7.72 -10.46 -18.22
CA ASN B 300 8.46 -10.35 -19.47
C ASN B 300 7.81 -9.26 -20.30
N PRO B 301 8.59 -8.25 -20.70
CA PRO B 301 8.07 -7.14 -21.51
C PRO B 301 7.39 -7.58 -22.81
N GLU B 302 8.01 -8.50 -23.55
CA GLU B 302 7.42 -8.98 -24.80
C GLU B 302 6.03 -9.56 -24.53
N VAL B 303 5.90 -10.28 -23.43
CA VAL B 303 4.62 -10.86 -23.06
C VAL B 303 3.66 -9.73 -22.70
N LYS B 304 4.14 -8.79 -21.88
CA LYS B 304 3.31 -7.68 -21.47
C LYS B 304 2.72 -7.01 -22.68
N GLU B 305 3.58 -6.71 -23.66
CA GLU B 305 3.15 -6.01 -24.86
C GLU B 305 2.18 -6.81 -25.73
N TYR B 306 2.38 -8.12 -25.82
CA TYR B 306 1.48 -8.93 -26.63
C TYR B 306 0.11 -8.88 -25.99
N LEU B 307 0.05 -9.19 -24.68
CA LEU B 307 -1.23 -9.16 -23.97
C LEU B 307 -1.88 -7.79 -24.05
N PHE B 308 -1.05 -6.75 -24.12
CA PHE B 308 -1.57 -5.38 -24.21
C PHE B 308 -2.20 -5.13 -25.56
N ASP B 309 -1.65 -5.76 -26.60
CA ASP B 309 -2.18 -5.60 -27.95
C ASP B 309 -3.52 -6.32 -28.08
N VAL B 310 -3.70 -7.38 -27.30
CA VAL B 310 -4.97 -8.09 -27.31
C VAL B 310 -5.98 -7.10 -26.75
N ALA B 311 -5.54 -6.37 -25.73
CA ALA B 311 -6.39 -5.39 -25.10
C ALA B 311 -6.74 -4.32 -26.11
N ARG B 312 -5.73 -3.81 -26.80
CA ARG B 312 -5.91 -2.79 -27.82
C ARG B 312 -6.90 -3.28 -28.88
N PHE B 313 -6.61 -4.46 -29.41
CA PHE B 313 -7.47 -5.02 -30.43
C PHE B 313 -8.93 -5.03 -30.00
N TRP B 314 -9.22 -5.77 -28.93
CA TRP B 314 -10.58 -5.87 -28.46
C TRP B 314 -11.27 -4.57 -28.10
N MET B 315 -10.50 -3.55 -27.76
CA MET B 315 -11.12 -2.29 -27.41
C MET B 315 -11.48 -1.47 -28.64
N GLU B 316 -10.96 -1.87 -29.80
CA GLU B 316 -11.27 -1.20 -31.06
C GLU B 316 -12.67 -1.64 -31.43
N GLN B 317 -12.97 -2.89 -31.09
CA GLN B 317 -14.29 -3.46 -31.36
C GLN B 317 -15.37 -2.69 -30.61
N GLY B 318 -14.98 -1.92 -29.60
CA GLY B 318 -15.95 -1.13 -28.86
C GLY B 318 -16.46 -1.67 -27.54
N ILE B 319 -15.75 -2.62 -26.93
CA ILE B 319 -16.18 -3.17 -25.66
C ILE B 319 -16.07 -2.05 -24.63
N ASP B 320 -16.52 -2.30 -23.39
CA ASP B 320 -16.47 -1.28 -22.36
C ASP B 320 -15.70 -1.63 -21.10
N GLY B 321 -15.16 -2.83 -21.00
CA GLY B 321 -14.44 -3.18 -19.79
C GLY B 321 -13.88 -4.58 -19.80
N TRP B 322 -13.32 -5.00 -18.67
CA TRP B 322 -12.74 -6.32 -18.56
C TRP B 322 -12.90 -6.88 -17.16
N ARG B 323 -13.10 -8.18 -17.06
CA ARG B 323 -13.17 -8.82 -15.75
C ARG B 323 -11.93 -9.68 -15.73
N LEU B 324 -10.96 -9.29 -14.92
CA LEU B 324 -9.69 -9.99 -14.85
C LEU B 324 -9.71 -11.32 -14.08
N ASN B 325 -9.54 -12.40 -14.83
CA ASN B 325 -9.54 -13.75 -14.28
C ASN B 325 -8.16 -14.15 -13.75
N VAL B 326 -8.09 -14.34 -12.43
CA VAL B 326 -6.86 -14.72 -11.71
C VAL B 326 -5.92 -13.52 -11.61
N ALA B 327 -6.50 -12.32 -11.61
CA ALA B 327 -5.75 -11.08 -11.54
C ALA B 327 -4.62 -11.07 -10.50
N ASN B 328 -4.90 -11.63 -9.33
CA ASN B 328 -3.93 -11.63 -8.25
C ASN B 328 -2.66 -12.43 -8.46
N GLU B 329 -2.54 -13.14 -9.58
CA GLU B 329 -1.33 -13.92 -9.82
C GLU B 329 -0.46 -13.30 -10.92
N VAL B 330 -0.87 -12.09 -11.33
CA VAL B 330 -0.16 -11.30 -12.34
C VAL B 330 0.43 -10.13 -11.55
N ASP B 331 1.66 -9.73 -11.89
CA ASP B 331 2.34 -8.64 -11.21
C ASP B 331 1.64 -7.29 -11.25
N HIS B 332 1.89 -6.48 -10.23
CA HIS B 332 1.25 -5.16 -10.13
C HIS B 332 1.69 -4.21 -11.21
N ALA B 333 2.95 -4.33 -11.62
CA ALA B 333 3.42 -3.45 -12.67
C ALA B 333 2.49 -3.64 -13.87
N PHE B 334 2.20 -4.90 -14.19
CA PHE B 334 1.34 -5.20 -15.32
C PHE B 334 0.00 -4.48 -15.25
N TRP B 335 -0.69 -4.62 -14.11
CA TRP B 335 -2.00 -3.99 -13.93
C TRP B 335 -1.95 -2.47 -13.87
N ARG B 336 -0.89 -1.92 -13.31
CA ARG B 336 -0.80 -0.45 -13.25
C ARG B 336 -0.63 0.11 -14.67
N GLU B 337 0.16 -0.58 -15.50
CA GLU B 337 0.35 -0.15 -16.88
C GLU B 337 -0.90 -0.52 -17.68
N PHE B 338 -1.49 -1.66 -17.33
CA PHE B 338 -2.69 -2.12 -18.00
C PHE B 338 -3.75 -1.05 -17.90
N ARG B 339 -3.89 -0.49 -16.71
CA ARG B 339 -4.88 0.54 -16.47
C ARG B 339 -4.56 1.79 -17.25
N ARG B 340 -3.29 2.21 -17.15
CA ARG B 340 -2.79 3.41 -17.82
C ARG B 340 -3.18 3.36 -19.30
N LEU B 341 -3.00 2.17 -19.89
CA LEU B 341 -3.33 1.94 -21.30
C LEU B 341 -4.83 1.93 -21.56
N VAL B 342 -5.55 1.03 -20.88
CA VAL B 342 -6.99 0.95 -21.09
C VAL B 342 -7.65 2.32 -20.92
N LYS B 343 -7.50 2.92 -19.76
CA LYS B 343 -8.12 4.22 -19.56
C LYS B 343 -7.85 5.20 -20.71
N SER B 344 -6.61 5.22 -21.20
CA SER B 344 -6.23 6.14 -22.28
C SER B 344 -7.05 5.87 -23.54
N LEU B 345 -7.17 4.60 -23.89
CA LEU B 345 -7.94 4.19 -25.06
C LEU B 345 -9.40 4.49 -24.85
N ASN B 346 -9.88 4.21 -23.64
CA ASN B 346 -11.26 4.45 -23.27
C ASN B 346 -11.33 4.81 -21.78
N PRO B 347 -11.49 6.10 -21.48
CA PRO B 347 -11.56 6.59 -20.11
C PRO B 347 -12.74 6.03 -19.29
N ASP B 348 -13.68 5.37 -19.97
CA ASP B 348 -14.83 4.79 -19.28
C ASP B 348 -14.87 3.27 -19.29
N ALA B 349 -13.77 2.65 -19.70
CA ALA B 349 -13.70 1.21 -19.72
C ALA B 349 -13.54 0.77 -18.28
N LEU B 350 -14.28 -0.27 -17.90
CA LEU B 350 -14.26 -0.77 -16.54
C LEU B 350 -13.22 -1.85 -16.37
N ILE B 351 -12.59 -1.86 -15.20
CA ILE B 351 -11.62 -2.91 -14.87
C ILE B 351 -12.06 -3.56 -13.57
N VAL B 352 -12.47 -4.82 -13.65
CA VAL B 352 -12.93 -5.55 -12.49
C VAL B 352 -12.07 -6.76 -12.23
N GLY B 353 -11.63 -6.91 -10.98
CA GLY B 353 -10.79 -8.04 -10.62
C GLY B 353 -11.51 -9.17 -9.93
N GLU B 354 -10.94 -10.37 -10.07
CA GLU B 354 -11.49 -11.57 -9.47
C GLU B 354 -10.52 -12.06 -8.42
N ILE B 355 -10.73 -11.65 -7.17
CA ILE B 355 -9.86 -12.06 -6.07
C ILE B 355 -10.66 -12.50 -4.85
N TRP B 356 -10.26 -13.64 -4.29
CA TRP B 356 -10.94 -14.23 -3.13
C TRP B 356 -10.20 -14.04 -1.81
N HIS B 357 -9.81 -12.80 -1.52
CA HIS B 357 -9.15 -12.45 -0.27
C HIS B 357 -8.86 -10.96 -0.31
N ASP B 358 -8.66 -10.35 0.85
CA ASP B 358 -8.40 -8.91 0.92
C ASP B 358 -7.68 -8.47 -0.33
N ALA B 359 -8.31 -7.60 -1.10
CA ALA B 359 -7.70 -7.12 -2.33
C ALA B 359 -7.54 -5.61 -2.29
N SER B 360 -7.19 -5.10 -1.12
CA SER B 360 -6.99 -3.67 -0.96
C SER B 360 -5.78 -3.21 -1.75
N GLY B 361 -4.87 -4.14 -2.03
CA GLY B 361 -3.67 -3.83 -2.77
C GLY B 361 -3.85 -3.71 -4.27
N TRP B 362 -5.09 -3.77 -4.73
CA TRP B 362 -5.43 -3.64 -6.15
C TRP B 362 -6.55 -2.61 -6.26
N LEU B 363 -6.96 -2.09 -5.11
CA LEU B 363 -8.04 -1.14 -5.08
C LEU B 363 -7.64 0.23 -4.58
N MET B 364 -6.38 0.59 -4.77
CA MET B 364 -5.90 1.90 -4.37
C MET B 364 -6.33 2.93 -5.41
N GLY B 365 -6.69 2.45 -6.60
CA GLY B 365 -7.14 3.35 -7.65
C GLY B 365 -6.17 3.46 -8.79
N ASP B 366 -5.04 2.77 -8.67
CA ASP B 366 -4.01 2.79 -9.69
C ASP B 366 -3.93 1.46 -10.45
N GLN B 367 -4.92 0.61 -10.25
CA GLN B 367 -4.98 -0.69 -10.91
C GLN B 367 -6.44 -1.02 -11.27
N PHE B 368 -7.16 -1.77 -10.44
CA PHE B 368 -8.56 -2.08 -10.78
C PHE B 368 -9.56 -1.02 -10.30
N ASP B 369 -10.80 -1.10 -10.76
CA ASP B 369 -11.85 -0.17 -10.36
C ASP B 369 -12.73 -0.80 -9.26
N SER B 370 -12.65 -2.13 -9.13
CA SER B 370 -13.41 -2.89 -8.14
C SER B 370 -13.12 -4.39 -8.30
N VAL B 371 -13.77 -5.21 -7.48
CA VAL B 371 -13.59 -6.66 -7.58
C VAL B 371 -14.91 -7.38 -7.33
N MET B 372 -14.88 -8.71 -7.31
CA MET B 372 -16.10 -9.47 -7.08
C MET B 372 -16.29 -9.50 -5.58
N ASN B 373 -17.40 -8.96 -5.10
CA ASN B 373 -17.65 -8.93 -3.66
C ASN B 373 -18.01 -10.29 -3.09
N TYR B 374 -17.06 -11.22 -3.06
CA TYR B 374 -17.33 -12.56 -2.54
C TYR B 374 -17.81 -12.51 -1.10
N LEU B 375 -17.34 -11.53 -0.33
CA LEU B 375 -17.79 -11.41 1.05
C LEU B 375 -19.30 -11.19 1.04
N PHE B 376 -19.77 -10.44 0.06
CA PHE B 376 -21.18 -10.16 -0.07
C PHE B 376 -21.99 -11.43 -0.29
N ARG B 377 -21.50 -12.30 -1.17
CA ARG B 377 -22.21 -13.53 -1.45
C ARG B 377 -22.39 -14.39 -0.20
N GLU B 378 -21.29 -14.84 0.37
CA GLU B 378 -21.31 -15.68 1.56
C GLU B 378 -22.24 -15.12 2.66
N SER B 379 -22.18 -13.81 2.87
CA SER B 379 -23.01 -13.20 3.89
C SER B 379 -24.50 -13.30 3.57
N VAL B 380 -24.87 -13.32 2.30
CA VAL B 380 -26.29 -13.42 1.96
C VAL B 380 -26.69 -14.87 1.75
N ILE B 381 -25.71 -15.73 1.53
CA ILE B 381 -26.02 -17.14 1.32
C ILE B 381 -26.14 -17.83 2.67
N ARG B 382 -25.88 -17.09 3.74
CA ARG B 382 -25.97 -17.64 5.09
C ARG B 382 -27.01 -16.90 5.89
N PHE B 383 -27.52 -15.80 5.34
CA PHE B 383 -28.54 -15.05 6.06
C PHE B 383 -29.88 -15.22 5.37
N PHE B 384 -29.84 -15.57 4.09
CA PHE B 384 -31.07 -15.75 3.36
C PHE B 384 -31.22 -17.22 2.93
N ALA B 385 -30.12 -17.82 2.50
CA ALA B 385 -30.15 -19.21 2.04
C ALA B 385 -30.30 -20.22 3.17
N THR B 386 -29.21 -20.44 3.90
CA THR B 386 -29.22 -21.39 5.00
C THR B 386 -29.90 -20.78 6.23
N GLY B 387 -29.11 -20.18 7.11
CA GLY B 387 -29.68 -19.58 8.31
C GLY B 387 -28.63 -19.57 9.40
N GLU B 388 -27.44 -20.02 9.02
CA GLU B 388 -26.27 -20.11 9.89
C GLU B 388 -25.94 -18.82 10.61
N ILE B 389 -26.49 -17.70 10.16
CA ILE B 389 -26.23 -16.42 10.80
C ILE B 389 -27.51 -15.60 10.92
N HIS B 390 -27.64 -14.91 12.04
CA HIS B 390 -28.82 -14.08 12.29
C HIS B 390 -28.59 -12.65 11.84
N ALA B 391 -29.55 -11.78 12.09
CA ALA B 391 -29.46 -10.39 11.68
C ALA B 391 -28.24 -9.59 12.15
N GLU B 392 -27.91 -9.66 13.44
CA GLU B 392 -26.78 -8.92 14.00
C GLU B 392 -25.42 -9.34 13.45
N ARG B 393 -25.28 -10.61 13.10
CA ARG B 393 -24.04 -11.16 12.56
C ARG B 393 -23.99 -10.87 11.04
N PHE B 394 -25.11 -10.38 10.52
CA PHE B 394 -25.20 -10.05 9.09
C PHE B 394 -24.70 -8.63 9.00
N ASP B 395 -25.17 -7.81 9.92
CA ASP B 395 -24.79 -6.42 9.98
C ASP B 395 -23.27 -6.34 10.10
N ALA B 396 -22.69 -7.25 10.88
CA ALA B 396 -21.25 -7.27 11.08
C ALA B 396 -20.51 -7.66 9.81
N GLU B 397 -20.79 -8.88 9.33
CA GLU B 397 -20.15 -9.39 8.13
C GLU B 397 -20.19 -8.34 7.01
N LEU B 398 -21.25 -7.54 6.99
CA LEU B 398 -21.43 -6.50 5.99
C LEU B 398 -20.48 -5.36 6.29
N THR B 399 -20.78 -4.64 7.36
CA THR B 399 -19.99 -3.50 7.80
C THR B 399 -18.48 -3.74 7.65
N ARG B 400 -17.99 -4.87 8.16
CA ARG B 400 -16.57 -5.16 8.06
C ARG B 400 -16.09 -5.13 6.61
N ALA B 401 -16.79 -5.83 5.73
CA ALA B 401 -16.40 -5.87 4.32
C ALA B 401 -16.37 -4.48 3.71
N ARG B 402 -17.37 -3.68 4.09
CA ARG B 402 -17.53 -2.33 3.59
C ARG B 402 -16.42 -1.35 3.96
N MET B 403 -15.64 -1.67 4.98
CA MET B 403 -14.55 -0.77 5.41
C MET B 403 -13.20 -1.28 4.91
N LEU B 404 -13.19 -2.41 4.23
CA LEU B 404 -11.96 -2.99 3.73
C LEU B 404 -11.23 -2.10 2.74
N TYR B 405 -12.01 -1.43 1.89
CA TYR B 405 -11.45 -0.61 0.85
C TYR B 405 -11.99 0.82 0.82
N PRO B 406 -11.42 1.68 -0.06
CA PRO B 406 -11.83 3.08 -0.23
C PRO B 406 -13.25 3.13 -0.79
N GLU B 407 -13.96 4.22 -0.52
CA GLU B 407 -15.33 4.32 -1.00
C GLU B 407 -15.47 4.17 -2.52
N GLN B 408 -14.54 4.72 -3.28
CA GLN B 408 -14.62 4.63 -4.74
C GLN B 408 -14.74 3.19 -5.24
N ALA B 409 -14.13 2.25 -4.53
CA ALA B 409 -14.20 0.85 -4.93
C ALA B 409 -15.37 0.11 -4.28
N ALA B 410 -15.76 0.51 -3.07
CA ALA B 410 -16.87 -0.18 -2.40
C ALA B 410 -18.19 0.15 -3.06
N GLN B 411 -18.26 1.31 -3.71
CA GLN B 411 -19.50 1.72 -4.36
C GLN B 411 -19.72 0.99 -5.67
N GLY B 412 -18.68 0.29 -6.10
CA GLY B 412 -18.77 -0.41 -7.36
C GLY B 412 -18.42 -1.86 -7.33
N LEU B 413 -18.30 -2.43 -6.14
CA LEU B 413 -18.00 -3.85 -6.04
C LEU B 413 -19.16 -4.61 -6.68
N TRP B 414 -18.84 -5.63 -7.47
CA TRP B 414 -19.86 -6.45 -8.12
C TRP B 414 -20.43 -7.40 -7.07
N ASN B 415 -21.69 -7.19 -6.68
CA ASN B 415 -22.34 -8.02 -5.67
C ASN B 415 -23.12 -9.19 -6.26
N LEU B 416 -22.45 -10.32 -6.42
CA LEU B 416 -23.10 -11.50 -7.00
C LEU B 416 -23.75 -12.45 -6.00
N LEU B 417 -24.78 -13.16 -6.45
CA LEU B 417 -25.47 -14.15 -5.63
C LEU B 417 -24.92 -15.53 -5.92
N ASP B 418 -24.39 -15.70 -7.13
CA ASP B 418 -23.86 -17.00 -7.55
C ASP B 418 -23.19 -16.85 -8.92
N SER B 419 -22.66 -17.95 -9.45
CA SER B 419 -22.00 -17.92 -10.76
C SER B 419 -21.98 -19.26 -11.46
N HIS B 420 -21.20 -19.32 -12.53
CA HIS B 420 -21.07 -20.55 -13.30
C HIS B 420 -20.10 -21.48 -12.55
N ASN B 421 -19.77 -21.11 -11.32
CA ASN B 421 -18.86 -21.90 -10.50
C ASN B 421 -19.49 -22.30 -9.16
N THR B 422 -20.79 -22.07 -9.02
CA THR B 422 -21.48 -22.44 -7.79
C THR B 422 -22.93 -22.81 -8.09
N GLU B 423 -23.59 -23.40 -7.10
CA GLU B 423 -25.00 -23.77 -7.24
C GLU B 423 -25.80 -22.49 -7.49
N ARG B 424 -27.05 -22.65 -7.92
CA ARG B 424 -27.89 -21.49 -8.14
C ARG B 424 -28.28 -21.04 -6.74
N PHE B 425 -28.52 -19.75 -6.55
CA PHE B 425 -28.88 -19.27 -5.23
C PHE B 425 -30.25 -19.83 -4.83
N LEU B 426 -31.18 -19.83 -5.77
CA LEU B 426 -32.51 -20.34 -5.50
C LEU B 426 -32.44 -21.73 -4.90
N THR B 427 -31.47 -22.51 -5.36
CA THR B 427 -31.27 -23.87 -4.86
C THR B 427 -30.81 -23.82 -3.41
N SER B 428 -29.94 -22.87 -3.09
CA SER B 428 -29.47 -22.71 -1.73
C SER B 428 -30.66 -22.45 -0.84
N CYS B 429 -31.68 -21.80 -1.40
CA CYS B 429 -32.88 -21.49 -0.64
C CYS B 429 -33.85 -22.68 -0.63
N GLY B 430 -33.33 -23.86 -0.99
CA GLY B 430 -34.16 -25.05 -1.04
C GLY B 430 -35.45 -24.82 -1.82
N GLY B 431 -35.42 -23.85 -2.73
CA GLY B 431 -36.58 -23.56 -3.54
C GLY B 431 -37.52 -22.55 -2.91
N ASN B 432 -37.25 -22.19 -1.66
CA ASN B 432 -38.07 -21.23 -0.92
C ASN B 432 -38.07 -19.83 -1.55
N GLU B 433 -38.88 -19.62 -2.57
CA GLU B 433 -38.92 -18.32 -3.25
C GLU B 433 -39.09 -17.11 -2.34
N ALA B 434 -39.48 -17.34 -1.09
CA ALA B 434 -39.65 -16.22 -0.16
C ALA B 434 -38.27 -15.78 0.27
N LYS B 435 -37.43 -16.76 0.56
CA LYS B 435 -36.06 -16.49 0.98
C LYS B 435 -35.36 -15.84 -0.20
N PHE B 436 -35.45 -16.47 -1.37
CA PHE B 436 -34.83 -15.95 -2.59
C PHE B 436 -35.11 -14.45 -2.75
N ARG B 437 -36.35 -14.12 -3.12
CA ARG B 437 -36.76 -12.74 -3.32
C ARG B 437 -36.20 -11.76 -2.29
N LEU B 438 -36.23 -12.14 -1.02
CA LEU B 438 -35.73 -11.27 0.03
C LEU B 438 -34.26 -10.97 -0.23
N ALA B 439 -33.49 -12.02 -0.54
CA ALA B 439 -32.08 -11.86 -0.82
C ALA B 439 -31.85 -11.00 -2.05
N VAL B 440 -32.78 -11.07 -3.01
CA VAL B 440 -32.66 -10.28 -4.22
C VAL B 440 -33.06 -8.85 -3.91
N LEU B 441 -34.16 -8.68 -3.20
CA LEU B 441 -34.61 -7.33 -2.85
C LEU B 441 -33.41 -6.58 -2.25
N PHE B 442 -32.64 -7.28 -1.43
CA PHE B 442 -31.45 -6.71 -0.79
C PHE B 442 -30.47 -6.35 -1.90
N GLN B 443 -30.04 -7.37 -2.64
CA GLN B 443 -29.10 -7.20 -3.74
C GLN B 443 -29.39 -5.95 -4.56
N MET B 444 -30.64 -5.79 -4.98
CA MET B 444 -31.01 -4.63 -5.77
C MET B 444 -31.09 -3.31 -5.00
N THR B 445 -30.88 -3.34 -3.69
CA THR B 445 -30.95 -2.10 -2.92
C THR B 445 -29.78 -1.86 -1.98
N TYR B 446 -28.73 -2.67 -2.07
CA TYR B 446 -27.56 -2.50 -1.21
C TYR B 446 -26.51 -1.69 -1.96
N LEU B 447 -25.39 -1.42 -1.30
CA LEU B 447 -24.29 -0.64 -1.87
C LEU B 447 -23.37 -1.51 -2.73
N GLY B 448 -23.25 -1.15 -4.00
CA GLY B 448 -22.41 -1.92 -4.91
C GLY B 448 -23.15 -2.16 -6.22
N THR B 449 -22.67 -3.07 -7.03
CA THR B 449 -23.32 -3.33 -8.30
C THR B 449 -24.02 -4.67 -8.32
N PRO B 450 -25.33 -4.67 -8.58
CA PRO B 450 -26.08 -5.92 -8.62
C PRO B 450 -25.62 -6.71 -9.83
N LEU B 451 -25.21 -7.96 -9.63
CA LEU B 451 -24.78 -8.81 -10.74
C LEU B 451 -25.76 -9.97 -10.86
N ILE B 452 -26.54 -9.99 -11.93
CA ILE B 452 -27.51 -11.06 -12.13
C ILE B 452 -26.99 -12.19 -13.02
N TYR B 453 -27.08 -13.42 -12.53
CA TYR B 453 -26.63 -14.59 -13.29
C TYR B 453 -27.79 -15.04 -14.18
N TYR B 454 -27.57 -15.09 -15.49
CA TYR B 454 -28.61 -15.50 -16.45
C TYR B 454 -29.52 -16.63 -15.97
N GLY B 455 -30.82 -16.42 -16.07
CA GLY B 455 -31.74 -17.45 -15.64
C GLY B 455 -32.37 -17.20 -14.28
N ASP B 456 -31.60 -16.63 -13.36
CA ASP B 456 -32.15 -16.36 -12.03
C ASP B 456 -33.36 -15.44 -12.11
N GLU B 457 -33.40 -14.55 -13.09
CA GLU B 457 -34.52 -13.63 -13.22
C GLU B 457 -35.83 -14.34 -13.61
N ILE B 458 -35.71 -15.60 -14.02
CA ILE B 458 -36.90 -16.36 -14.38
C ILE B 458 -37.11 -17.51 -13.41
N GLY B 459 -36.10 -17.82 -12.60
CA GLY B 459 -36.25 -18.87 -11.62
C GLY B 459 -35.41 -20.14 -11.74
N MET B 460 -34.62 -20.26 -12.81
CA MET B 460 -33.81 -21.46 -12.96
C MET B 460 -33.11 -21.88 -11.67
N ALA B 461 -32.89 -23.19 -11.52
CA ALA B 461 -32.24 -23.76 -10.34
C ALA B 461 -31.18 -24.80 -10.73
N GLY B 462 -30.47 -25.36 -9.75
CA GLY B 462 -29.43 -26.36 -10.00
C GLY B 462 -28.28 -26.29 -9.02
N ALA B 463 -27.26 -27.13 -9.22
CA ALA B 463 -26.08 -27.16 -8.34
C ALA B 463 -24.83 -26.72 -9.13
N THR B 464 -23.68 -26.60 -8.44
CA THR B 464 -22.37 -26.20 -9.01
C THR B 464 -22.15 -26.82 -10.40
N ASP B 465 -20.94 -26.75 -10.99
CA ASP B 465 -20.75 -27.35 -12.32
C ASP B 465 -21.38 -28.73 -12.25
N PRO B 466 -22.14 -29.12 -13.27
CA PRO B 466 -22.38 -28.27 -14.43
C PRO B 466 -23.89 -27.99 -14.50
N ASP B 467 -24.57 -28.39 -13.42
CA ASP B 467 -26.01 -28.23 -13.26
C ASP B 467 -26.39 -26.79 -12.90
N CYS B 468 -25.43 -25.90 -13.03
CA CYS B 468 -25.63 -24.49 -12.76
C CYS B 468 -25.66 -23.83 -14.12
N ARG B 469 -25.07 -24.52 -15.09
CA ARG B 469 -24.98 -24.04 -16.46
C ARG B 469 -26.07 -24.65 -17.34
N ARG B 470 -27.30 -24.72 -16.82
CA ARG B 470 -28.44 -25.28 -17.55
C ARG B 470 -28.93 -24.29 -18.62
N PRO B 471 -29.25 -24.80 -19.82
CA PRO B 471 -29.74 -23.96 -20.92
C PRO B 471 -30.82 -23.00 -20.50
N MET B 472 -30.64 -21.72 -20.84
CA MET B 472 -31.61 -20.70 -20.49
C MET B 472 -33.01 -21.13 -20.91
N ILE B 473 -34.01 -20.78 -20.12
CA ILE B 473 -35.39 -21.11 -20.44
C ILE B 473 -36.03 -19.91 -21.14
N TRP B 474 -36.54 -20.11 -22.34
CA TRP B 474 -37.15 -19.02 -23.09
C TRP B 474 -38.68 -19.05 -23.21
N GLU B 475 -39.25 -20.25 -23.16
CA GLU B 475 -40.70 -20.44 -23.26
C GLU B 475 -41.34 -19.83 -22.01
N GLU B 476 -42.05 -18.72 -22.22
CA GLU B 476 -42.71 -17.96 -21.15
C GLU B 476 -43.66 -18.63 -20.19
N LYS B 477 -43.85 -19.94 -20.33
CA LYS B 477 -44.74 -20.64 -19.42
C LYS B 477 -43.84 -21.44 -18.49
N GLU B 478 -42.68 -21.80 -19.00
CA GLU B 478 -41.70 -22.55 -18.25
C GLU B 478 -40.78 -21.52 -17.59
N GLN B 479 -41.21 -20.27 -17.59
CA GLN B 479 -40.46 -19.16 -16.97
C GLN B 479 -41.33 -18.58 -15.86
N ASN B 480 -40.74 -18.35 -14.70
CA ASN B 480 -41.48 -17.75 -13.60
C ASN B 480 -41.59 -16.26 -13.97
N ARG B 481 -42.46 -15.96 -14.92
CA ARG B 481 -42.66 -14.58 -15.36
C ARG B 481 -43.02 -13.70 -14.17
N GLY B 482 -43.51 -14.33 -13.11
CA GLY B 482 -43.87 -13.58 -11.92
C GLY B 482 -42.63 -12.96 -11.29
N LEU B 483 -41.58 -13.76 -11.22
CA LEU B 483 -40.30 -13.33 -10.65
C LEU B 483 -39.67 -12.26 -11.55
N PHE B 484 -39.65 -12.55 -12.84
CA PHE B 484 -39.09 -11.64 -13.83
C PHE B 484 -39.62 -10.22 -13.66
N GLU B 485 -40.89 -10.11 -13.30
CA GLU B 485 -41.48 -8.79 -13.11
C GLU B 485 -41.01 -8.16 -11.81
N PHE B 486 -40.66 -9.02 -10.84
CA PHE B 486 -40.18 -8.59 -9.54
C PHE B 486 -38.81 -7.91 -9.70
N TYR B 487 -37.87 -8.62 -10.33
CA TYR B 487 -36.55 -8.03 -10.57
C TYR B 487 -36.74 -6.68 -11.23
N LYS B 488 -37.37 -6.68 -12.40
CA LYS B 488 -37.64 -5.47 -13.16
C LYS B 488 -37.98 -4.28 -12.29
N GLU B 489 -38.98 -4.43 -11.43
CA GLU B 489 -39.42 -3.34 -10.57
C GLU B 489 -38.29 -2.80 -9.67
N LEU B 490 -37.46 -3.68 -9.14
CA LEU B 490 -36.36 -3.26 -8.28
C LEU B 490 -35.33 -2.54 -9.15
N ILE B 491 -34.94 -3.19 -10.24
CA ILE B 491 -33.98 -2.64 -11.18
C ILE B 491 -34.48 -1.22 -11.51
N ARG B 492 -35.77 -1.17 -11.81
CA ARG B 492 -36.43 0.08 -12.14
C ARG B 492 -36.30 1.10 -11.01
N LEU B 493 -36.44 0.64 -9.77
CA LEU B 493 -36.34 1.56 -8.63
C LEU B 493 -34.91 1.98 -8.42
N ARG B 494 -34.00 1.02 -8.51
CA ARG B 494 -32.59 1.30 -8.33
C ARG B 494 -32.20 2.49 -9.20
N HIS B 495 -32.68 2.50 -10.44
CA HIS B 495 -32.37 3.58 -11.35
C HIS B 495 -33.13 4.88 -11.02
N ARG B 496 -34.32 4.75 -10.45
CA ARG B 496 -35.12 5.93 -10.11
C ARG B 496 -34.60 6.67 -8.87
N LEU B 497 -34.21 5.91 -7.86
CA LEU B 497 -33.75 6.46 -6.59
C LEU B 497 -32.24 6.65 -6.49
N ALA B 498 -31.83 7.91 -6.37
CA ALA B 498 -30.42 8.24 -6.27
C ALA B 498 -29.63 7.44 -5.25
N SER B 499 -30.09 7.48 -4.00
CA SER B 499 -29.39 6.79 -2.91
C SER B 499 -29.10 5.31 -3.09
N LEU B 500 -29.87 4.63 -3.93
CA LEU B 500 -29.66 3.20 -4.13
C LEU B 500 -28.47 2.93 -5.05
N THR B 501 -28.00 3.97 -5.72
CA THR B 501 -26.86 3.86 -6.62
C THR B 501 -25.66 4.67 -6.14
N ARG B 502 -25.90 5.88 -5.65
CA ARG B 502 -24.82 6.75 -5.21
C ARG B 502 -24.90 7.22 -3.77
N GLY B 503 -25.58 6.46 -2.91
CA GLY B 503 -25.69 6.86 -1.52
C GLY B 503 -24.86 5.98 -0.59
N ASN B 504 -24.59 6.47 0.61
CA ASN B 504 -23.83 5.70 1.59
C ASN B 504 -24.72 4.66 2.23
N VAL B 505 -24.17 3.91 3.18
CA VAL B 505 -24.94 2.89 3.88
C VAL B 505 -24.71 2.95 5.37
N ARG B 506 -25.80 3.02 6.12
CA ARG B 506 -25.73 3.03 7.57
C ARG B 506 -26.78 2.08 8.11
N SER B 507 -26.35 1.16 8.95
CA SER B 507 -27.29 0.21 9.56
C SER B 507 -28.40 1.00 10.26
N TRP B 508 -29.58 0.41 10.33
CA TRP B 508 -30.72 1.09 10.94
C TRP B 508 -31.34 0.29 12.08
N HIS B 509 -31.21 -1.04 12.01
CA HIS B 509 -31.75 -1.89 13.03
C HIS B 509 -31.34 -3.34 12.77
N ALA B 510 -31.03 -4.06 13.85
CA ALA B 510 -30.65 -5.46 13.74
C ALA B 510 -30.94 -6.20 15.05
N ASP B 511 -31.98 -7.03 15.02
CA ASP B 511 -32.40 -7.81 16.17
C ASP B 511 -32.09 -9.28 15.89
N LYS B 512 -31.08 -9.80 16.58
CA LYS B 512 -30.68 -11.19 16.40
C LYS B 512 -31.82 -12.15 16.71
N GLN B 513 -32.77 -11.70 17.52
CA GLN B 513 -33.91 -12.53 17.88
C GLN B 513 -34.97 -12.58 16.78
N ALA B 514 -35.62 -11.46 16.50
CA ALA B 514 -36.63 -11.39 15.46
C ALA B 514 -36.00 -11.63 14.09
N ASN B 515 -34.68 -11.61 14.04
CA ASN B 515 -33.89 -11.80 12.82
C ASN B 515 -34.33 -10.81 11.76
N LEU B 516 -34.62 -9.60 12.21
CA LEU B 516 -35.02 -8.54 11.33
C LEU B 516 -33.82 -7.61 11.16
N TYR B 517 -33.63 -7.10 9.94
CA TYR B 517 -32.52 -6.22 9.63
C TYR B 517 -32.92 -5.03 8.75
N ALA B 518 -32.32 -3.88 9.00
CA ALA B 518 -32.64 -2.68 8.23
C ALA B 518 -31.46 -1.73 8.09
N PHE B 519 -31.42 -1.00 6.99
CA PHE B 519 -30.35 -0.04 6.72
C PHE B 519 -30.85 1.12 5.87
N VAL B 520 -30.17 2.26 5.96
CA VAL B 520 -30.59 3.40 5.17
C VAL B 520 -29.54 3.81 4.14
N ARG B 521 -30.03 4.16 2.95
CA ARG B 521 -29.18 4.61 1.85
C ARG B 521 -29.40 6.11 1.74
N THR B 522 -28.33 6.90 1.85
CA THR B 522 -28.47 8.35 1.80
C THR B 522 -27.54 9.08 0.84
N VAL B 523 -28.07 10.14 0.24
CA VAL B 523 -27.33 11.01 -0.67
C VAL B 523 -28.05 12.33 -0.60
N GLN B 524 -27.31 13.41 -0.40
CA GLN B 524 -27.94 14.72 -0.28
C GLN B 524 -29.15 14.57 0.63
N ASP B 525 -30.33 14.99 0.21
CA ASP B 525 -31.50 14.87 1.09
C ASP B 525 -32.39 13.67 0.81
N GLN B 526 -31.82 12.58 0.31
CA GLN B 526 -32.64 11.43 0.02
C GLN B 526 -32.29 10.24 0.91
N HIS B 527 -33.29 9.71 1.60
CA HIS B 527 -33.11 8.56 2.46
C HIS B 527 -34.04 7.45 2.03
N VAL B 528 -33.54 6.22 2.07
CA VAL B 528 -34.32 5.06 1.72
C VAL B 528 -33.99 3.98 2.72
N GLY B 529 -34.92 3.72 3.62
CA GLY B 529 -34.73 2.68 4.61
C GLY B 529 -35.23 1.38 4.03
N VAL B 530 -34.34 0.40 3.95
CA VAL B 530 -34.66 -0.92 3.42
C VAL B 530 -34.82 -1.86 4.61
N VAL B 531 -36.06 -2.28 4.86
CA VAL B 531 -36.38 -3.18 5.98
C VAL B 531 -36.57 -4.62 5.52
N LEU B 532 -35.76 -5.53 6.05
CA LEU B 532 -35.89 -6.92 5.68
C LEU B 532 -36.40 -7.75 6.84
N ASN B 533 -37.54 -8.43 6.65
CA ASN B 533 -38.09 -9.28 7.70
C ASN B 533 -37.65 -10.71 7.38
N ASN B 534 -36.42 -11.04 7.74
CA ASN B 534 -35.88 -12.37 7.44
C ASN B 534 -36.38 -13.50 8.33
N ARG B 535 -37.67 -13.47 8.66
CA ARG B 535 -38.25 -14.52 9.49
C ARG B 535 -39.60 -14.91 8.89
N GLY B 536 -39.75 -16.18 8.50
CA GLY B 536 -41.01 -16.62 7.91
C GLY B 536 -42.10 -16.55 8.95
N GLU B 537 -42.62 -15.34 9.19
CA GLU B 537 -43.62 -15.15 10.21
C GLU B 537 -43.89 -13.66 10.36
N LYS B 538 -45.12 -13.23 10.13
CA LYS B 538 -45.46 -11.81 10.26
C LYS B 538 -44.84 -11.27 11.53
N GLN B 539 -44.44 -10.00 11.51
CA GLN B 539 -43.85 -9.35 12.68
C GLN B 539 -44.09 -7.86 12.65
N THR B 540 -43.86 -7.22 13.78
CA THR B 540 -44.02 -5.78 13.87
C THR B 540 -42.74 -5.28 14.51
N VAL B 541 -42.32 -4.07 14.13
CA VAL B 541 -41.10 -3.49 14.67
C VAL B 541 -41.19 -1.98 14.75
N LEU B 542 -40.36 -1.41 15.61
CA LEU B 542 -40.31 0.04 15.80
C LEU B 542 -38.91 0.53 15.45
N LEU B 543 -38.80 1.23 14.33
CA LEU B 543 -37.51 1.76 13.86
C LEU B 543 -37.54 3.24 14.17
N GLN B 544 -36.53 3.99 13.76
CA GLN B 544 -36.59 5.39 14.13
C GLN B 544 -35.65 6.40 13.52
N VAL B 545 -35.85 6.80 12.27
CA VAL B 545 -34.98 7.85 11.74
C VAL B 545 -35.61 9.06 12.45
N PRO B 546 -34.99 9.53 13.56
CA PRO B 546 -35.58 10.67 14.27
C PRO B 546 -36.57 11.54 13.47
N GLU B 547 -36.08 12.73 13.14
CA GLU B 547 -36.82 13.72 12.37
C GLU B 547 -35.96 14.30 11.25
N SER B 548 -34.97 13.48 10.88
CA SER B 548 -34.02 13.74 9.81
C SER B 548 -34.64 12.99 8.62
N GLY B 549 -34.48 13.49 7.39
CA GLY B 549 -35.09 12.81 6.26
C GLY B 549 -36.59 13.08 6.23
N GLY B 550 -37.14 13.44 7.39
CA GLY B 550 -38.55 13.76 7.48
C GLY B 550 -39.39 12.92 8.43
N LYS B 551 -40.69 12.91 8.16
CA LYS B 551 -41.68 12.19 8.96
C LYS B 551 -42.55 11.30 8.09
N THR B 552 -42.41 11.44 6.77
CA THR B 552 -43.21 10.68 5.84
C THR B 552 -42.43 9.82 4.87
N TRP B 553 -42.54 8.49 5.02
CA TRP B 553 -41.87 7.55 4.15
C TRP B 553 -42.92 6.88 3.27
N LEU B 554 -42.49 6.26 2.18
CA LEU B 554 -43.40 5.60 1.25
C LEU B 554 -42.81 4.27 0.81
N ASP B 555 -43.60 3.20 0.87
CA ASP B 555 -43.11 1.90 0.47
C ASP B 555 -43.21 1.82 -1.06
N CYS B 556 -42.07 2.01 -1.73
CA CYS B 556 -41.99 1.99 -3.19
C CYS B 556 -42.49 0.67 -3.78
N LEU B 557 -42.63 -0.34 -2.92
CA LEU B 557 -43.11 -1.63 -3.37
C LEU B 557 -44.63 -1.82 -3.21
N THR B 558 -45.26 -1.01 -2.36
CA THR B 558 -46.69 -1.16 -2.13
C THR B 558 -47.48 0.16 -2.08
N GLY B 559 -46.79 1.29 -2.22
CA GLY B 559 -47.48 2.56 -2.20
C GLY B 559 -48.04 2.88 -0.82
N GLU B 560 -47.63 2.12 0.18
CA GLU B 560 -48.07 2.32 1.56
C GLU B 560 -47.39 3.52 2.22
N GLU B 561 -48.19 4.39 2.84
CA GLU B 561 -47.69 5.59 3.51
C GLU B 561 -47.39 5.28 4.99
N VAL B 562 -46.38 5.92 5.58
CA VAL B 562 -46.05 5.70 6.99
C VAL B 562 -45.60 7.01 7.65
N HIS B 563 -46.29 7.36 8.74
CA HIS B 563 -46.00 8.59 9.47
C HIS B 563 -45.15 8.32 10.71
N GLY B 564 -44.13 9.14 10.90
CA GLY B 564 -43.25 8.97 12.04
C GLY B 564 -43.78 9.64 13.30
N LYS B 565 -44.40 8.84 14.16
CA LYS B 565 -44.94 9.34 15.41
C LYS B 565 -43.89 9.43 16.52
N GLN B 566 -43.46 10.66 16.83
CA GLN B 566 -42.45 10.91 17.85
C GLN B 566 -41.16 10.16 17.56
N GLY B 567 -40.63 10.37 16.36
CA GLY B 567 -39.39 9.71 15.99
C GLY B 567 -39.46 8.20 16.01
N GLN B 568 -40.55 7.65 15.48
CA GLN B 568 -40.71 6.20 15.43
C GLN B 568 -41.59 5.71 14.27
N LEU B 569 -41.14 4.65 13.59
CA LEU B 569 -41.90 4.10 12.48
C LEU B 569 -42.48 2.77 12.89
N LYS B 570 -43.80 2.71 12.97
CA LYS B 570 -44.50 1.49 13.32
C LYS B 570 -44.57 0.69 12.03
N LEU B 571 -43.74 -0.34 11.92
CA LEU B 571 -43.75 -1.15 10.72
C LEU B 571 -44.19 -2.55 11.02
N THR B 572 -45.16 -3.03 10.24
CA THR B 572 -45.68 -4.38 10.40
C THR B 572 -45.34 -5.08 9.09
N LEU B 573 -44.38 -5.98 9.14
CA LEU B 573 -43.96 -6.70 7.96
C LEU B 573 -44.77 -7.98 7.85
N ARG B 574 -44.33 -8.88 6.97
CA ARG B 574 -45.00 -10.15 6.77
C ARG B 574 -43.96 -11.22 6.43
N PRO B 575 -44.30 -12.50 6.60
CA PRO B 575 -43.36 -13.57 6.29
C PRO B 575 -42.37 -13.27 5.17
N TYR B 576 -41.12 -13.05 5.56
CA TYR B 576 -40.04 -12.77 4.62
C TYR B 576 -40.36 -11.59 3.70
N GLN B 577 -40.91 -10.53 4.28
CA GLN B 577 -41.25 -9.33 3.53
C GLN B 577 -40.10 -8.33 3.57
N GLY B 578 -40.20 -7.30 2.74
CA GLY B 578 -39.18 -6.26 2.68
C GLY B 578 -39.84 -4.95 2.31
N MET B 579 -39.24 -3.83 2.71
CA MET B 579 -39.81 -2.53 2.41
C MET B 579 -38.80 -1.48 1.95
N ILE B 580 -38.97 -0.98 0.74
CA ILE B 580 -38.09 0.06 0.20
C ILE B 580 -38.81 1.36 0.59
N LEU B 581 -38.55 1.87 1.80
CA LEU B 581 -39.21 3.09 2.27
C LEU B 581 -38.54 4.37 1.80
N TRP B 582 -39.25 5.16 1.01
CA TRP B 582 -38.71 6.40 0.47
C TRP B 582 -39.17 7.62 1.27
N ASN B 583 -38.21 8.45 1.69
CA ASN B 583 -38.49 9.63 2.49
C ASN B 583 -39.14 10.78 1.72
N GLY B 584 -39.48 10.55 0.45
CA GLY B 584 -40.13 11.60 -0.32
C GLY B 584 -39.28 12.54 -1.14
N ARG B 585 -38.04 12.77 -0.73
CA ARG B 585 -37.19 13.66 -1.49
C ARG B 585 -35.92 12.96 -1.96
#